data_9CBR
#
_entry.id   9CBR
#
_cell.length_a   70.811
_cell.length_b   115.101
_cell.length_c   120.795
_cell.angle_alpha   90.00
_cell.angle_beta   90.00
_cell.angle_gamma   90.00
#
_symmetry.space_group_name_H-M   'P 21 21 21'
#
loop_
_entity.id
_entity.type
_entity.pdbx_description
1 polymer 'Methionine synthase'
2 non-polymer '5-METHYL-5,6,7,8-TETRAHYDROFOLIC ACID'
3 non-polymer 'ZINC ION'
4 non-polymer COBALAMIN
5 non-polymer 'POTASSIUM ION'
6 non-polymer ETHANAMINE
7 water water
#
_entity_poly.entity_id   1
_entity_poly.type   'polypeptide(L)'
_entity_poly.pdbx_seq_one_letter_code
;MVEVHACSPGCRHHLGGAGWGDAPLVRLGYNKEARAKKFPYLKALLERPLVFDGAMGTELQKRDLTPEDYGGEAYFGCPE
VLNRTRPEVVREIHLAYLEAGAEVIETNTAGALRHVLAEYGLAAAAEELAFLGARIAREAADPHGAFVAGALGPGTKLVS
LGQISWDALYRAYKEAARGLLKGGVDLILLETAQDILQVRCAVLAVREAMAEVGREVPLQVQVTFEATGTMLVGTDEQAA
LAALESLPVDVVGMNCATGPDLMDSKVAYFAEHSTRFVSCLPNAGLPRNEGGRVVYDLTPEELAKWHLKFVAEYGVNAVG
GCCGTGPEHIRKVAEAVKGLAPKPRPESFPPQVASLYQAVSLKQEASLFLVGERLNATGSKRFREMLFARDLEGILALAR
EQVEEGAHALDLSVAWTGRDELEDLRWLLPHLATALTVPVMVDSTSPEAMELALKYLPGRVLLNSANLEDGLERFDRVAS
LAKAHGAALVVLAIDEKGMAKTREEKVRVALRMYERLTEHHGLRPEDLLFDLLTFPITQGDEESRPLAKETLLAMEELRE
RLPGVGFVLGVSNVSFGLKPRARRVLNSVFLDEARKRGLTAAIVDAGKILPISQIPEEAYALALDLIYDRRKEGFDPLLA
FMAYFEAHKEAAAKREDAFLALPLLERLKRRVVEGRKQGLEADLEEALKAGHKPLDLINGPLLAGMKEVGDLFGAGKMQL
PFVLQAAEVMKRAVAYLEPHMEKKGEGKGTLVLATVKGAVHDIGKNLVDIILSHNGYRVVNLGIKVPIEEILKAVEAHKP
HAVGMSGLLVKSTLVMKENLEYMRDAGYTLPVILGGAALTRSYVEELRAIYPNVYYAEDAFEGLRLMEELTGHAPPE
;
_entity_poly.pdbx_strand_id   A
#
loop_
_chem_comp.id
_chem_comp.type
_chem_comp.name
_chem_comp.formula
B12 non-polymer COBALAMIN 'C62 H89 Co N13 O14 P 2'
C2F non-polymer '5-METHYL-5,6,7,8-TETRAHYDROFOLIC ACID' 'C20 H25 N7 O6'
K non-polymer 'POTASSIUM ION' 'K 1'
NEH non-polymer ETHANAMINE 'C2 H7 N'
ZN non-polymer 'ZINC ION' 'Zn 2'
#
# COMPACT_ATOMS: atom_id res chain seq x y z
N ALA A 6 28.81 -21.30 6.00
CA ALA A 6 27.68 -21.50 5.08
C ALA A 6 27.43 -20.23 4.28
N CYS A 7 27.60 -19.05 4.91
CA CYS A 7 27.35 -17.75 4.28
C CYS A 7 28.36 -17.47 3.16
N SER A 8 28.03 -16.49 2.30
CA SER A 8 28.92 -15.91 1.31
C SER A 8 28.90 -14.38 1.49
N PRO A 9 29.74 -13.57 0.78
CA PRO A 9 29.65 -12.12 0.88
C PRO A 9 28.34 -11.48 0.39
N GLY A 10 27.51 -12.21 -0.36
CA GLY A 10 26.17 -11.77 -0.75
C GLY A 10 25.17 -11.73 0.41
N CYS A 11 25.29 -12.67 1.34
CA CYS A 11 24.36 -12.81 2.46
C CYS A 11 24.19 -11.53 3.28
N ARG A 12 22.95 -11.29 3.75
CA ARG A 12 22.65 -10.19 4.64
C ARG A 12 21.36 -10.51 5.40
N HIS A 13 21.50 -11.22 6.54
CA HIS A 13 20.41 -11.79 7.30
C HIS A 13 19.97 -10.91 8.47
N HIS A 14 20.25 -9.59 8.42
CA HIS A 14 20.03 -8.72 9.57
C HIS A 14 18.55 -8.37 9.68
N LEU A 15 17.98 -7.78 8.61
CA LEU A 15 16.59 -7.32 8.55
C LEU A 15 15.57 -8.46 8.50
N GLY A 16 15.77 -9.44 7.62
CA GLY A 16 14.80 -10.50 7.39
C GLY A 16 15.01 -11.66 8.37
N GLY A 17 16.27 -11.98 8.72
CA GLY A 17 16.60 -13.14 9.52
C GLY A 17 16.94 -14.34 8.63
N ALA A 18 17.75 -15.26 9.13
CA ALA A 18 18.18 -16.44 8.39
C ALA A 18 17.22 -17.59 8.69
N GLY A 19 17.61 -18.80 8.29
CA GLY A 19 16.83 -20.02 8.50
C GLY A 19 17.07 -20.72 9.83
N TRP A 20 18.14 -20.35 10.57
CA TRP A 20 18.48 -20.90 11.88
C TRP A 20 18.14 -19.91 12.99
N GLY A 21 17.98 -20.43 14.22
CA GLY A 21 17.86 -19.62 15.42
C GLY A 21 16.48 -18.99 15.53
N ASP A 22 16.43 -17.80 16.17
CA ASP A 22 15.17 -17.14 16.50
C ASP A 22 14.87 -16.03 15.49
N ALA A 23 14.77 -16.40 14.21
CA ALA A 23 14.35 -15.51 13.14
C ALA A 23 12.83 -15.47 13.10
N PRO A 24 12.20 -14.27 12.88
CA PRO A 24 10.75 -14.13 12.75
C PRO A 24 10.05 -15.10 11.79
N LEU A 25 10.63 -15.31 10.59
CA LEU A 25 10.14 -16.27 9.61
C LEU A 25 11.23 -17.30 9.31
N VAL A 26 10.80 -18.56 9.15
CA VAL A 26 11.63 -19.67 8.72
C VAL A 26 10.83 -20.50 7.70
N ARG A 27 11.29 -21.71 7.32
CA ARG A 27 10.66 -22.50 6.25
C ARG A 27 9.26 -23.00 6.61
N LEU A 28 8.92 -23.10 7.91
CA LEU A 28 7.61 -23.53 8.37
C LEU A 28 6.73 -22.39 8.90
N GLY A 29 7.01 -21.14 8.49
CA GLY A 29 6.18 -19.99 8.79
C GLY A 29 6.71 -19.16 9.96
N TYR A 30 5.78 -18.47 10.64
CA TYR A 30 6.06 -17.66 11.81
C TYR A 30 6.60 -18.55 12.93
N ASN A 31 7.68 -18.09 13.58
CA ASN A 31 8.35 -18.84 14.65
C ASN A 31 7.62 -18.56 15.96
N LYS A 32 6.68 -19.42 16.35
CA LYS A 32 5.75 -19.09 17.44
C LYS A 32 6.32 -19.57 18.77
N GLU A 33 6.65 -20.85 18.88
CA GLU A 33 7.15 -21.46 20.10
C GLU A 33 8.56 -20.96 20.41
N ALA A 34 9.42 -20.84 19.41
CA ALA A 34 10.83 -20.52 19.62
C ALA A 34 11.00 -19.08 20.07
N ARG A 35 10.21 -18.15 19.51
CA ARG A 35 10.31 -16.73 19.83
C ARG A 35 9.67 -16.42 21.18
N ALA A 36 8.59 -17.11 21.58
CA ALA A 36 7.97 -16.97 22.89
C ALA A 36 8.98 -17.21 24.02
N LYS A 37 9.72 -18.32 23.96
CA LYS A 37 10.82 -18.64 24.88
C LYS A 37 11.74 -17.44 25.07
N LYS A 38 12.05 -16.71 24.00
CA LYS A 38 12.97 -15.58 24.04
C LYS A 38 12.29 -14.35 24.66
N PHE A 39 11.06 -14.03 24.27
CA PHE A 39 10.42 -12.75 24.54
C PHE A 39 9.26 -12.96 25.52
N PRO A 40 9.32 -12.49 26.79
CA PRO A 40 8.23 -12.70 27.73
C PRO A 40 6.90 -12.02 27.38
N TYR A 41 6.89 -11.00 26.51
CA TYR A 41 5.65 -10.42 26.04
C TYR A 41 4.84 -11.46 25.26
N LEU A 42 5.48 -12.14 24.30
CA LEU A 42 4.82 -13.11 23.43
C LEU A 42 4.43 -14.35 24.22
N LYS A 43 5.25 -14.74 25.21
CA LYS A 43 4.98 -15.84 26.13
C LYS A 43 3.64 -15.68 26.86
N ALA A 44 3.29 -14.43 27.19
CA ALA A 44 2.09 -14.12 27.96
C ALA A 44 0.84 -14.10 27.08
N LEU A 45 1.00 -13.72 25.80
CA LEU A 45 -0.10 -13.74 24.82
C LEU A 45 -0.67 -15.14 24.58
N LEU A 46 0.21 -16.16 24.61
CA LEU A 46 -0.16 -17.57 24.57
C LEU A 46 -1.09 -17.90 25.74
N GLU A 47 -0.67 -17.44 26.93
CA GLU A 47 -1.27 -17.81 28.22
C GLU A 47 -2.56 -17.03 28.48
N ARG A 48 -2.56 -15.70 28.20
CA ARG A 48 -3.65 -14.83 28.64
C ARG A 48 -3.81 -13.61 27.73
N PRO A 49 -5.02 -12.99 27.68
CA PRO A 49 -5.22 -11.70 27.01
C PRO A 49 -4.63 -10.53 27.79
N LEU A 50 -3.55 -9.92 27.24
CA LEU A 50 -2.95 -8.74 27.87
C LEU A 50 -3.85 -7.55 27.56
N VAL A 51 -3.94 -6.62 28.53
CA VAL A 51 -4.70 -5.40 28.34
C VAL A 51 -3.75 -4.24 28.09
N PHE A 52 -4.09 -3.41 27.11
CA PHE A 52 -3.30 -2.24 26.74
C PHE A 52 -3.91 -1.01 27.41
N ASP A 53 -3.17 0.11 27.35
CA ASP A 53 -3.63 1.39 27.84
C ASP A 53 -4.69 1.98 26.90
N GLY A 54 -5.38 3.00 27.41
CA GLY A 54 -6.21 3.90 26.62
C GLY A 54 -5.34 4.96 25.95
N ALA A 55 -5.90 6.13 25.72
CA ALA A 55 -5.21 7.21 25.03
C ALA A 55 -4.13 7.85 25.89
N MET A 56 -3.16 8.49 25.24
CA MET A 56 -2.21 9.39 25.88
C MET A 56 -2.65 10.84 25.61
N GLY A 57 -2.96 11.18 24.36
CA GLY A 57 -3.24 12.55 23.97
C GLY A 57 -4.52 13.16 24.54
N THR A 58 -5.64 12.42 24.54
CA THR A 58 -6.90 12.92 25.07
C THR A 58 -6.89 13.01 26.61
N GLU A 59 -5.93 12.34 27.27
CA GLU A 59 -5.65 12.53 28.69
C GLU A 59 -4.85 13.82 28.89
N LEU A 60 -3.83 14.08 28.04
CA LEU A 60 -2.99 15.27 28.16
C LEU A 60 -3.79 16.55 27.91
N GLN A 61 -4.84 16.45 27.09
CA GLN A 61 -5.74 17.54 26.76
C GLN A 61 -6.65 17.92 27.93
N LYS A 62 -7.00 16.94 28.77
CA LYS A 62 -7.81 17.20 29.96
C LYS A 62 -7.10 18.10 30.98
N ARG A 63 -5.77 18.05 31.04
CA ARG A 63 -4.97 18.85 31.97
C ARG A 63 -5.00 20.33 31.60
N ASP A 64 -4.82 21.17 32.63
CA ASP A 64 -4.77 22.62 32.51
C ASP A 64 -3.38 23.01 31.97
N LEU A 65 -3.16 22.82 30.65
CA LEU A 65 -1.82 23.00 30.05
C LEU A 65 -1.73 24.33 29.30
N THR A 66 -0.58 25.01 29.44
CA THR A 66 -0.32 26.35 28.93
C THR A 66 0.96 26.31 28.10
N PRO A 67 1.27 27.33 27.26
CA PRO A 67 2.54 27.37 26.51
C PRO A 67 3.84 27.14 27.31
N GLU A 68 3.91 27.62 28.56
CA GLU A 68 5.06 27.49 29.44
C GLU A 68 5.32 26.05 29.89
N ASP A 69 4.26 25.24 29.99
CA ASP A 69 4.36 23.80 30.22
C ASP A 69 4.98 23.04 29.04
N TYR A 70 4.92 23.59 27.81
CA TYR A 70 5.57 22.99 26.64
C TYR A 70 6.89 23.70 26.30
N GLY A 71 7.51 24.41 27.25
CA GLY A 71 8.77 25.10 27.05
C GLY A 71 8.65 26.35 26.18
N GLY A 72 7.45 26.92 26.10
CA GLY A 72 7.23 28.14 25.33
C GLY A 72 6.24 27.96 24.19
N GLU A 73 5.95 29.10 23.54
CA GLU A 73 4.95 29.30 22.50
C GLU A 73 5.29 28.51 21.24
N ALA A 74 6.60 28.34 20.96
CA ALA A 74 7.10 27.70 19.75
C ALA A 74 6.60 26.25 19.63
N TYR A 75 6.51 25.55 20.77
CA TYR A 75 6.26 24.11 20.86
C TYR A 75 4.91 23.81 21.52
N PHE A 76 3.99 24.80 21.55
CA PHE A 76 2.72 24.62 22.26
C PHE A 76 1.86 23.66 21.45
N GLY A 77 1.56 22.50 22.07
CA GLY A 77 0.69 21.47 21.53
C GLY A 77 1.44 20.24 21.03
N CYS A 78 2.77 20.19 21.25
CA CYS A 78 3.57 19.02 20.87
C CYS A 78 3.53 18.01 22.02
N PRO A 79 2.99 16.77 21.88
CA PRO A 79 3.05 15.79 22.96
C PRO A 79 4.46 15.34 23.39
N GLU A 80 5.44 15.36 22.45
CA GLU A 80 6.73 14.72 22.63
C GLU A 80 7.65 15.52 23.56
N VAL A 81 7.52 16.86 23.58
CA VAL A 81 8.29 17.73 24.43
C VAL A 81 7.89 17.59 25.91
N LEU A 82 6.68 17.07 26.20
CA LEU A 82 6.23 16.82 27.57
C LEU A 82 7.01 15.71 28.25
N ASN A 83 7.76 14.85 27.51
CA ASN A 83 8.68 13.89 28.12
C ASN A 83 9.88 14.61 28.75
N ARG A 84 10.28 15.77 28.20
CA ARG A 84 11.34 16.62 28.72
C ARG A 84 10.73 17.59 29.73
N THR A 85 9.74 18.41 29.32
CA THR A 85 9.32 19.60 30.05
C THR A 85 8.42 19.28 31.25
N ARG A 86 7.58 18.22 31.16
CA ARG A 86 6.67 17.84 32.24
C ARG A 86 6.56 16.32 32.42
N PRO A 87 7.68 15.58 32.67
CA PRO A 87 7.66 14.12 32.71
C PRO A 87 6.61 13.48 33.63
N GLU A 88 6.37 14.12 34.79
CA GLU A 88 5.40 13.66 35.79
C GLU A 88 3.95 13.64 35.29
N VAL A 89 3.58 14.51 34.33
CA VAL A 89 2.23 14.56 33.79
C VAL A 89 1.96 13.32 32.93
N VAL A 90 2.98 12.84 32.17
CA VAL A 90 2.93 11.63 31.35
C VAL A 90 2.86 10.38 32.23
N ARG A 91 3.75 10.30 33.22
CA ARG A 91 3.79 9.28 34.27
C ARG A 91 2.44 9.13 34.98
N GLU A 92 1.83 10.25 35.41
CA GLU A 92 0.53 10.31 36.08
C GLU A 92 -0.52 9.49 35.30
N ILE A 93 -0.52 9.61 33.97
CA ILE A 93 -1.46 8.93 33.07
C ILE A 93 -1.15 7.43 33.01
N HIS A 94 0.11 7.08 32.71
CA HIS A 94 0.61 5.72 32.80
C HIS A 94 0.14 5.03 34.09
N LEU A 95 0.44 5.63 35.26
CA LEU A 95 0.11 5.11 36.58
C LEU A 95 -1.40 4.92 36.75
N ALA A 96 -2.22 5.81 36.19
CA ALA A 96 -3.67 5.70 36.28
C ALA A 96 -4.24 4.57 35.40
N TYR A 97 -3.57 4.18 34.32
CA TYR A 97 -3.97 3.01 33.54
C TYR A 97 -3.52 1.74 34.26
N LEU A 98 -2.36 1.77 34.93
CA LEU A 98 -1.84 0.62 35.65
C LEU A 98 -2.72 0.28 36.88
N GLU A 99 -3.24 1.31 37.56
CA GLU A 99 -4.19 1.15 38.66
C GLU A 99 -5.57 0.69 38.16
N ALA A 100 -5.91 0.96 36.89
CA ALA A 100 -7.11 0.44 36.25
C ALA A 100 -6.90 -0.99 35.74
N GLY A 101 -5.65 -1.37 35.41
CA GLY A 101 -5.30 -2.75 35.06
C GLY A 101 -4.89 -2.89 33.58
N ALA A 102 -3.79 -2.23 33.23
CA ALA A 102 -3.19 -2.28 31.90
C ALA A 102 -1.81 -2.92 32.00
N GLU A 103 -1.70 -4.16 31.52
CA GLU A 103 -0.49 -4.95 31.61
C GLU A 103 0.57 -4.43 30.63
N VAL A 104 0.17 -3.59 29.64
CA VAL A 104 1.06 -2.96 28.68
C VAL A 104 0.69 -1.48 28.51
N ILE A 105 1.70 -0.60 28.51
CA ILE A 105 1.55 0.85 28.32
C ILE A 105 2.47 1.30 27.17
N GLU A 106 2.15 2.46 26.57
CA GLU A 106 2.78 2.95 25.34
C GLU A 106 3.54 4.26 25.59
N THR A 107 4.81 4.30 25.18
CA THR A 107 5.68 5.46 25.33
C THR A 107 5.12 6.67 24.57
N ASN A 108 5.18 7.88 25.15
CA ASN A 108 4.55 9.04 24.55
C ASN A 108 5.49 9.61 23.48
N THR A 109 5.55 8.91 22.31
CA THR A 109 6.64 8.99 21.34
C THR A 109 6.19 8.77 19.88
N ALA A 110 4.87 8.80 19.61
CA ALA A 110 4.34 8.48 18.29
C ALA A 110 4.73 9.56 17.29
N GLY A 111 4.66 10.83 17.72
CA GLY A 111 5.09 11.93 16.86
C GLY A 111 6.59 12.17 16.82
N ALA A 112 7.41 11.27 17.38
CA ALA A 112 8.84 11.52 17.59
C ALA A 112 9.62 11.15 16.32
N LEU A 113 9.49 12.03 15.30
CA LEU A 113 10.07 11.80 13.98
C LEU A 113 10.65 13.13 13.52
N ARG A 114 11.80 13.10 12.83
CA ARG A 114 12.45 14.29 12.26
C ARG A 114 11.48 15.23 11.55
N HIS A 115 10.73 14.73 10.54
CA HIS A 115 9.94 15.59 9.66
C HIS A 115 8.67 16.13 10.32
N VAL A 116 8.12 15.39 11.31
CA VAL A 116 7.02 15.84 12.15
C VAL A 116 7.52 16.88 13.17
N LEU A 117 8.65 16.58 13.83
CA LEU A 117 9.25 17.43 14.85
C LEU A 117 9.84 18.71 14.25
N ALA A 118 10.19 18.68 12.95
CA ALA A 118 10.65 19.85 12.21
C ALA A 118 9.66 21.01 12.30
N GLU A 119 8.36 20.70 12.39
CA GLU A 119 7.31 21.73 12.41
C GLU A 119 7.27 22.52 13.74
N TYR A 120 7.93 22.01 14.78
CA TYR A 120 8.13 22.76 16.01
C TYR A 120 9.58 23.28 16.14
N GLY A 121 10.39 23.27 15.06
CA GLY A 121 11.80 23.61 15.12
C GLY A 121 12.62 22.66 16.00
N LEU A 122 12.22 21.38 16.06
CA LEU A 122 12.89 20.37 16.87
C LEU A 122 13.36 19.18 16.04
N ALA A 123 13.85 19.44 14.82
CA ALA A 123 14.13 18.39 13.82
C ALA A 123 15.25 17.45 14.25
N ALA A 124 16.21 17.94 15.06
CA ALA A 124 17.39 17.19 15.43
C ALA A 124 17.20 16.34 16.70
N ALA A 125 15.94 16.11 17.13
CA ALA A 125 15.67 15.84 18.55
C ALA A 125 14.80 14.61 18.77
N ALA A 126 14.62 13.76 17.76
CA ALA A 126 13.67 12.66 17.82
C ALA A 126 14.19 11.52 18.70
N GLU A 127 15.46 11.15 18.51
CA GLU A 127 16.14 10.16 19.34
C GLU A 127 16.13 10.57 20.81
N GLU A 128 16.32 11.88 21.07
CA GLU A 128 16.27 12.43 22.42
C GLU A 128 14.88 12.17 23.02
N LEU A 129 13.82 12.71 22.39
CA LEU A 129 12.49 12.73 22.96
C LEU A 129 11.93 11.31 23.05
N ALA A 130 12.36 10.42 22.14
CA ALA A 130 12.05 8.99 22.17
C ALA A 130 12.65 8.32 23.40
N PHE A 131 13.91 8.64 23.71
CA PHE A 131 14.62 8.12 24.86
C PHE A 131 13.93 8.52 26.19
N LEU A 132 13.57 9.81 26.33
CA LEU A 132 12.98 10.31 27.56
C LEU A 132 11.61 9.69 27.84
N GLY A 133 10.71 9.68 26.83
CA GLY A 133 9.39 9.06 26.92
C GLY A 133 9.44 7.57 27.25
N ALA A 134 10.48 6.87 26.75
CA ALA A 134 10.76 5.48 27.10
C ALA A 134 11.15 5.33 28.57
N ARG A 135 12.05 6.21 29.06
CA ARG A 135 12.54 6.11 30.43
C ARG A 135 11.43 6.34 31.44
N ILE A 136 10.60 7.37 31.22
CA ILE A 136 9.41 7.66 32.01
C ILE A 136 8.53 6.42 32.14
N ALA A 137 8.30 5.71 31.02
CA ALA A 137 7.40 4.59 30.95
C ALA A 137 7.89 3.41 31.79
N ARG A 138 9.21 3.13 31.79
CA ARG A 138 9.81 2.11 32.64
C ARG A 138 9.57 2.39 34.12
N GLU A 139 9.76 3.65 34.54
CA GLU A 139 9.65 4.07 35.94
C GLU A 139 8.23 3.88 36.47
N ALA A 140 7.21 3.95 35.59
CA ALA A 140 5.83 3.59 35.94
C ALA A 140 5.66 2.07 35.93
N ALA A 141 6.12 1.42 34.85
CA ALA A 141 5.75 0.05 34.52
C ALA A 141 6.48 -0.95 35.41
N ASP A 142 7.74 -0.66 35.77
CA ASP A 142 8.56 -1.58 36.55
C ASP A 142 7.98 -1.80 37.95
N PRO A 143 7.57 -0.74 38.71
CA PRO A 143 6.74 -0.92 39.91
C PRO A 143 5.53 -1.85 39.77
N HIS A 144 4.72 -1.68 38.72
CA HIS A 144 3.51 -2.47 38.52
C HIS A 144 3.77 -3.81 37.81
N GLY A 145 4.99 -4.05 37.32
CA GLY A 145 5.34 -5.35 36.72
C GLY A 145 4.75 -5.55 35.33
N ALA A 146 4.80 -4.48 34.52
CA ALA A 146 4.03 -4.36 33.30
C ALA A 146 5.00 -4.13 32.13
N PHE A 147 4.54 -4.45 30.91
CA PHE A 147 5.32 -4.29 29.69
C PHE A 147 5.22 -2.88 29.15
N VAL A 148 6.28 -2.42 28.44
CA VAL A 148 6.30 -1.14 27.73
C VAL A 148 6.43 -1.36 26.22
N ALA A 149 5.57 -0.66 25.45
CA ALA A 149 5.53 -0.72 23.99
C ALA A 149 6.02 0.61 23.42
N GLY A 150 6.99 0.56 22.49
CA GLY A 150 7.63 1.77 22.00
C GLY A 150 6.89 2.30 20.78
N ALA A 151 5.93 3.20 21.01
CA ALA A 151 5.01 3.70 20.00
C ALA A 151 5.73 4.52 18.92
N LEU A 152 5.45 4.20 17.64
CA LEU A 152 5.85 5.00 16.49
C LEU A 152 4.68 5.15 15.52
N GLY A 153 4.43 6.40 15.08
CA GLY A 153 3.30 6.76 14.22
C GLY A 153 3.66 6.90 12.73
N PRO A 154 2.67 7.14 11.85
CA PRO A 154 2.88 7.17 10.41
C PRO A 154 3.48 8.47 9.88
N GLY A 155 3.44 9.53 10.69
CA GLY A 155 3.93 10.84 10.28
C GLY A 155 2.85 11.67 9.59
N THR A 156 3.35 12.75 8.96
CA THR A 156 2.57 13.77 8.26
C THR A 156 2.68 13.67 6.73
N LYS A 157 3.41 12.66 6.21
CA LYS A 157 3.86 12.66 4.83
C LYS A 157 3.77 11.25 4.21
N LEU A 158 2.93 11.12 3.18
CA LEU A 158 2.60 9.86 2.52
C LEU A 158 3.64 9.57 1.44
N VAL A 159 4.28 8.40 1.57
CA VAL A 159 5.39 7.98 0.73
C VAL A 159 4.90 7.45 -0.64
N SER A 160 3.79 6.71 -0.67
CA SER A 160 3.23 6.21 -1.93
C SER A 160 2.94 7.34 -2.92
N LEU A 161 2.43 8.50 -2.44
CA LEU A 161 2.06 9.66 -3.24
C LEU A 161 3.17 10.74 -3.30
N GLY A 162 4.39 10.44 -2.88
CA GLY A 162 5.54 11.23 -3.24
C GLY A 162 5.78 12.46 -2.34
N GLN A 163 5.24 12.45 -1.12
CA GLN A 163 5.34 13.58 -0.21
C GLN A 163 6.62 13.49 0.63
N ILE A 164 7.24 12.30 0.64
CA ILE A 164 8.55 12.08 1.21
C ILE A 164 9.19 10.90 0.47
N SER A 165 10.52 10.87 0.32
CA SER A 165 11.26 9.71 -0.21
C SER A 165 11.34 8.61 0.85
N TRP A 166 11.57 7.37 0.39
CA TRP A 166 11.94 6.22 1.19
C TRP A 166 13.05 6.55 2.17
N ASP A 167 14.12 7.16 1.65
CA ASP A 167 15.41 7.25 2.32
C ASP A 167 15.29 8.12 3.57
N ALA A 168 14.62 9.27 3.44
CA ALA A 168 14.31 10.13 4.59
C ALA A 168 13.35 9.37 5.53
N LEU A 169 12.29 8.73 5.01
CA LEU A 169 11.34 8.05 5.89
C LEU A 169 12.06 6.95 6.67
N TYR A 170 12.97 6.20 6.01
CA TYR A 170 13.80 5.20 6.67
C TYR A 170 14.70 5.84 7.75
N ARG A 171 15.34 6.99 7.44
CA ARG A 171 16.22 7.70 8.36
C ARG A 171 15.49 7.97 9.67
N ALA A 172 14.25 8.48 9.59
CA ALA A 172 13.50 8.91 10.75
C ALA A 172 13.13 7.76 11.67
N TYR A 173 12.63 6.64 11.16
CA TYR A 173 12.21 5.49 11.96
C TYR A 173 13.40 4.77 12.60
N LYS A 174 14.60 4.91 12.03
CA LYS A 174 15.79 4.22 12.47
C LYS A 174 16.30 4.85 13.77
N GLU A 175 16.42 6.19 13.76
CA GLU A 175 16.93 6.98 14.86
C GLU A 175 15.96 7.01 16.04
N ALA A 176 14.66 7.05 15.77
CA ALA A 176 13.64 7.01 16.81
C ALA A 176 13.57 5.65 17.51
N ALA A 177 13.95 4.58 16.80
CA ALA A 177 13.93 3.23 17.33
C ALA A 177 15.15 2.97 18.23
N ARG A 178 16.32 3.56 17.90
CA ARG A 178 17.50 3.56 18.76
C ARG A 178 17.14 4.08 20.15
N GLY A 179 16.53 5.27 20.19
CA GLY A 179 16.06 5.97 21.38
C GLY A 179 15.18 5.11 22.27
N LEU A 180 14.29 4.33 21.67
CA LEU A 180 13.41 3.43 22.39
C LEU A 180 14.17 2.21 22.92
N LEU A 181 15.14 1.69 22.14
CA LEU A 181 15.77 0.41 22.43
C LEU A 181 16.80 0.55 23.55
N LYS A 182 17.41 1.73 23.65
CA LYS A 182 18.28 2.13 24.76
C LYS A 182 17.47 2.36 26.04
N GLY A 183 16.32 3.03 25.93
CA GLY A 183 15.41 3.27 27.03
C GLY A 183 14.77 2.00 27.59
N GLY A 184 14.89 0.87 26.88
CA GLY A 184 14.59 -0.46 27.41
C GLY A 184 13.15 -0.88 27.19
N VAL A 185 12.64 -0.72 25.95
CA VAL A 185 11.25 -1.00 25.63
C VAL A 185 11.10 -2.50 25.48
N ASP A 186 9.93 -3.04 25.87
CA ASP A 186 9.68 -4.48 25.74
C ASP A 186 9.16 -4.88 24.35
N LEU A 187 8.80 -3.91 23.49
CA LEU A 187 8.52 -4.14 22.08
C LEU A 187 8.51 -2.81 21.34
N ILE A 188 8.71 -2.85 20.00
CA ILE A 188 8.39 -1.75 19.11
C ILE A 188 6.97 -1.95 18.57
N LEU A 189 6.25 -0.83 18.41
CA LEU A 189 4.85 -0.82 18.04
C LEU A 189 4.66 0.25 16.99
N LEU A 190 4.42 -0.17 15.74
CA LEU A 190 4.10 0.74 14.65
C LEU A 190 2.59 0.86 14.58
N GLU A 191 2.06 2.09 14.53
CA GLU A 191 0.65 2.28 14.75
C GLU A 191 0.06 3.38 13.86
N THR A 192 -1.29 3.30 13.75
CA THR A 192 -2.11 4.27 13.02
C THR A 192 -1.60 4.45 11.58
N ALA A 193 -1.15 3.34 10.98
CA ALA A 193 -0.58 3.32 9.63
C ALA A 193 -1.68 3.51 8.58
N GLN A 194 -1.37 4.30 7.53
CA GLN A 194 -2.32 4.71 6.49
C GLN A 194 -1.90 4.35 5.05
N ASP A 195 -0.68 3.82 4.89
CA ASP A 195 0.07 3.74 3.63
C ASP A 195 0.83 2.42 3.71
N ILE A 196 0.51 1.41 2.93
CA ILE A 196 1.12 0.09 3.12
C ILE A 196 2.64 0.12 2.85
N LEU A 197 3.14 1.06 2.02
CA LEU A 197 4.57 1.15 1.73
C LEU A 197 5.31 1.69 2.93
N GLN A 198 4.74 2.69 3.66
CA GLN A 198 5.21 3.21 4.94
C GLN A 198 5.39 2.11 5.99
N VAL A 199 4.52 1.10 5.95
CA VAL A 199 4.60 -0.01 6.88
C VAL A 199 5.90 -0.76 6.61
N ARG A 200 6.12 -1.13 5.32
CA ARG A 200 7.34 -1.87 4.95
C ARG A 200 8.60 -1.06 5.29
N CYS A 201 8.60 0.25 5.01
CA CYS A 201 9.71 1.13 5.32
C CYS A 201 10.06 1.17 6.80
N ALA A 202 9.03 1.35 7.63
CA ALA A 202 9.15 1.41 9.07
C ALA A 202 9.52 0.05 9.70
N VAL A 203 9.12 -1.07 9.12
CA VAL A 203 9.46 -2.39 9.64
C VAL A 203 10.94 -2.69 9.40
N LEU A 204 11.45 -2.37 8.20
CA LEU A 204 12.86 -2.61 7.88
C LEU A 204 13.77 -1.71 8.68
N ALA A 205 13.33 -0.47 8.93
CA ALA A 205 14.05 0.57 9.66
C ALA A 205 14.36 0.10 11.07
N VAL A 206 13.31 -0.25 11.83
CA VAL A 206 13.40 -0.64 13.23
C VAL A 206 14.08 -2.01 13.41
N ARG A 207 14.06 -2.87 12.38
CA ARG A 207 14.81 -4.12 12.37
C ARG A 207 16.32 -3.86 12.23
N GLU A 208 16.70 -2.77 11.57
CA GLU A 208 18.10 -2.41 11.40
C GLU A 208 18.64 -1.76 12.69
N ALA A 209 17.84 -0.84 13.27
CA ALA A 209 18.14 -0.24 14.56
C ALA A 209 18.29 -1.30 15.65
N MET A 210 17.57 -2.44 15.54
CA MET A 210 17.79 -3.61 16.38
C MET A 210 19.18 -4.21 16.15
N ALA A 211 19.62 -4.34 14.89
CA ALA A 211 20.95 -4.87 14.60
C ALA A 211 22.07 -3.92 15.06
N GLU A 212 21.86 -2.61 15.08
CA GLU A 212 22.90 -1.64 15.43
C GLU A 212 23.16 -1.67 16.94
N VAL A 213 22.11 -1.51 17.76
CA VAL A 213 22.20 -1.46 19.21
C VAL A 213 22.44 -2.84 19.82
N GLY A 214 22.28 -3.93 19.06
CA GLY A 214 22.61 -5.28 19.49
C GLY A 214 21.47 -5.97 20.26
N ARG A 215 20.30 -5.33 20.35
CA ARG A 215 19.17 -5.87 21.10
C ARG A 215 17.95 -5.97 20.18
N GLU A 216 17.32 -7.15 20.17
CA GLU A 216 16.18 -7.45 19.33
C GLU A 216 14.94 -7.47 20.20
N VAL A 217 13.96 -6.61 19.91
CA VAL A 217 12.67 -6.65 20.60
C VAL A 217 11.57 -7.12 19.64
N PRO A 218 10.38 -7.57 20.16
CA PRO A 218 9.23 -7.92 19.33
C PRO A 218 8.65 -6.75 18.55
N LEU A 219 7.91 -7.11 17.47
CA LEU A 219 7.37 -6.11 16.56
C LEU A 219 5.84 -6.25 16.47
N GLN A 220 5.15 -5.13 16.63
CA GLN A 220 3.70 -5.05 16.62
C GLN A 220 3.37 -3.98 15.60
N VAL A 221 2.68 -4.36 14.50
CA VAL A 221 2.32 -3.40 13.47
C VAL A 221 0.81 -3.32 13.43
N GLN A 222 0.27 -2.09 13.39
CA GLN A 222 -1.17 -1.84 13.41
C GLN A 222 -1.57 -0.72 12.42
N VAL A 223 -2.65 -0.94 11.65
CA VAL A 223 -3.22 0.04 10.71
C VAL A 223 -4.49 0.69 11.28
N THR A 224 -4.83 1.85 10.74
CA THR A 224 -6.16 2.46 10.82
C THR A 224 -6.88 2.33 9.46
N PHE A 225 -8.15 1.89 9.48
CA PHE A 225 -9.06 1.97 8.35
C PHE A 225 -9.87 3.25 8.44
N GLU A 226 -10.16 3.87 7.27
CA GLU A 226 -11.04 5.01 7.20
C GLU A 226 -12.46 4.45 7.16
N ALA A 227 -13.47 5.32 7.33
CA ALA A 227 -14.86 4.90 7.41
C ALA A 227 -15.28 4.13 6.15
N THR A 228 -14.75 4.56 4.99
CA THR A 228 -15.04 3.97 3.68
C THR A 228 -14.71 2.47 3.62
N GLY A 229 -13.74 1.99 4.41
CA GLY A 229 -13.46 0.57 4.61
C GLY A 229 -12.03 0.16 4.19
N THR A 230 -11.23 1.15 3.74
CA THR A 230 -9.83 0.91 3.39
C THR A 230 -8.95 1.86 4.20
N MET A 231 -7.64 1.64 4.05
CA MET A 231 -6.61 2.57 4.48
C MET A 231 -6.76 3.83 3.60
N LEU A 232 -6.17 4.93 4.03
CA LEU A 232 -6.28 6.21 3.33
C LEU A 232 -5.87 6.06 1.87
N VAL A 233 -4.76 5.37 1.59
CA VAL A 233 -4.19 5.30 0.24
C VAL A 233 -4.91 4.24 -0.63
N GLY A 234 -5.80 3.42 0.00
CA GLY A 234 -6.78 2.60 -0.67
C GLY A 234 -6.60 1.09 -0.50
N THR A 235 -5.74 0.66 0.45
CA THR A 235 -5.45 -0.76 0.70
C THR A 235 -6.55 -1.40 1.58
N ASP A 236 -7.19 -2.47 1.09
CA ASP A 236 -8.14 -3.27 1.86
C ASP A 236 -7.42 -4.15 2.91
N GLU A 237 -8.21 -4.86 3.74
CA GLU A 237 -7.72 -5.73 4.80
C GLU A 237 -7.02 -6.98 4.25
N GLN A 238 -7.47 -7.48 3.08
CA GLN A 238 -6.92 -8.68 2.49
C GLN A 238 -5.49 -8.41 2.00
N ALA A 239 -5.28 -7.23 1.42
CA ALA A 239 -3.96 -6.78 0.96
C ALA A 239 -3.05 -6.39 2.12
N ALA A 240 -3.59 -5.71 3.12
CA ALA A 240 -2.78 -5.29 4.27
C ALA A 240 -2.17 -6.52 4.94
N LEU A 241 -2.98 -7.53 5.20
CA LEU A 241 -2.56 -8.77 5.83
C LEU A 241 -1.53 -9.51 4.96
N ALA A 242 -1.74 -9.53 3.62
CA ALA A 242 -0.87 -10.27 2.71
C ALA A 242 0.51 -9.65 2.64
N ALA A 243 0.56 -8.31 2.64
CA ALA A 243 1.81 -7.57 2.86
C ALA A 243 2.48 -7.87 4.20
N LEU A 244 1.74 -8.02 5.34
CA LEU A 244 2.35 -8.19 6.66
C LEU A 244 2.81 -9.63 6.94
N GLU A 245 2.21 -10.62 6.26
CA GLU A 245 2.42 -12.05 6.50
C GLU A 245 3.75 -12.57 5.93
N SER A 246 4.49 -11.79 5.11
CA SER A 246 5.84 -12.20 4.73
C SER A 246 6.96 -11.27 5.26
N LEU A 247 6.56 -10.31 6.13
CA LEU A 247 7.51 -9.38 6.72
C LEU A 247 7.95 -9.89 8.10
N PRO A 248 9.14 -9.47 8.63
CA PRO A 248 9.60 -9.90 9.94
C PRO A 248 8.88 -9.20 11.09
N VAL A 249 7.58 -9.54 11.29
CA VAL A 249 6.72 -8.99 12.33
C VAL A 249 6.20 -10.13 13.20
N ASP A 250 5.50 -9.78 14.31
CA ASP A 250 5.16 -10.72 15.38
C ASP A 250 3.67 -10.62 15.72
N VAL A 251 3.13 -9.40 15.77
CA VAL A 251 1.72 -9.10 15.98
C VAL A 251 1.24 -8.13 14.89
N VAL A 252 0.03 -8.37 14.38
CA VAL A 252 -0.67 -7.51 13.42
C VAL A 252 -1.98 -7.06 14.08
N GLY A 253 -2.52 -5.87 13.71
CA GLY A 253 -3.76 -5.40 14.32
C GLY A 253 -4.26 -4.06 13.80
N MET A 254 -5.20 -3.44 14.54
CA MET A 254 -5.86 -2.18 14.19
C MET A 254 -5.77 -1.22 15.37
N ASN A 255 -5.83 0.10 15.08
CA ASN A 255 -6.07 1.07 16.12
C ASN A 255 -6.80 2.29 15.55
N CYS A 256 -7.44 3.02 16.48
CA CYS A 256 -8.02 4.33 16.23
C CYS A 256 -9.24 4.19 15.31
N ALA A 257 -9.20 4.80 14.11
CA ALA A 257 -10.11 4.53 13.00
C ALA A 257 -11.43 5.25 13.26
N THR A 258 -12.53 4.52 13.59
CA THR A 258 -13.85 5.10 13.80
C THR A 258 -14.58 4.60 15.08
N GLY A 259 -14.04 3.58 15.79
CA GLY A 259 -14.76 2.89 16.86
C GLY A 259 -14.80 1.38 16.66
N PRO A 260 -15.50 0.62 17.55
CA PRO A 260 -15.60 -0.83 17.44
C PRO A 260 -16.60 -1.34 16.40
N ASP A 261 -17.57 -0.49 16.04
CA ASP A 261 -18.71 -0.84 15.20
C ASP A 261 -18.24 -1.26 13.81
N LEU A 262 -17.34 -0.44 13.22
CA LEU A 262 -16.84 -0.64 11.86
C LEU A 262 -15.56 -1.47 11.86
N MET A 263 -14.84 -1.49 12.99
CA MET A 263 -13.65 -2.31 13.17
C MET A 263 -13.97 -3.80 13.26
N ASP A 264 -15.24 -4.17 13.52
CA ASP A 264 -15.66 -5.52 13.86
C ASP A 264 -15.27 -6.51 12.76
N SER A 265 -15.74 -6.26 11.51
CA SER A 265 -15.52 -7.19 10.41
C SER A 265 -14.05 -7.25 9.99
N LYS A 266 -13.33 -6.14 10.20
CA LYS A 266 -11.90 -6.05 9.92
C LYS A 266 -11.12 -6.95 10.88
N VAL A 267 -11.41 -6.89 12.19
CA VAL A 267 -10.70 -7.66 13.20
C VAL A 267 -11.14 -9.13 13.14
N ALA A 268 -12.41 -9.40 12.80
CA ALA A 268 -12.84 -10.74 12.37
C ALA A 268 -11.90 -11.35 11.30
N TYR A 269 -11.50 -10.56 10.29
CA TYR A 269 -10.59 -11.02 9.23
C TYR A 269 -9.17 -11.29 9.76
N PHE A 270 -8.58 -10.33 10.50
CA PHE A 270 -7.27 -10.49 11.09
C PHE A 270 -7.23 -11.70 12.02
N ALA A 271 -8.28 -11.87 12.85
CA ALA A 271 -8.40 -12.95 13.82
C ALA A 271 -8.48 -14.33 13.18
N GLU A 272 -9.30 -14.46 12.12
CA GLU A 272 -9.46 -15.73 11.44
C GLU A 272 -8.16 -16.18 10.75
N HIS A 273 -7.50 -15.32 9.95
CA HIS A 273 -6.48 -15.74 9.00
C HIS A 273 -5.02 -15.55 9.45
N SER A 274 -4.72 -14.60 10.35
CA SER A 274 -3.34 -14.26 10.70
C SER A 274 -2.69 -15.39 11.51
N THR A 275 -1.50 -15.84 11.07
CA THR A 275 -0.68 -16.79 11.82
C THR A 275 0.09 -16.10 12.96
N ARG A 276 0.22 -14.75 12.87
CA ARG A 276 0.64 -13.90 13.98
C ARG A 276 -0.46 -13.77 15.04
N PHE A 277 -0.09 -13.24 16.20
CA PHE A 277 -1.03 -12.77 17.22
C PHE A 277 -1.72 -11.51 16.71
N VAL A 278 -2.80 -11.09 17.39
CA VAL A 278 -3.71 -10.05 16.91
C VAL A 278 -3.98 -9.03 18.01
N SER A 279 -3.73 -7.74 17.70
CA SER A 279 -4.08 -6.59 18.53
C SER A 279 -5.28 -5.85 17.93
N CYS A 280 -5.90 -5.00 18.78
CA CYS A 280 -7.13 -4.32 18.43
C CYS A 280 -7.42 -3.26 19.47
N LEU A 281 -7.39 -1.97 19.07
CA LEU A 281 -7.46 -0.85 19.99
C LEU A 281 -8.33 0.28 19.40
N PRO A 282 -9.67 0.20 19.44
CA PRO A 282 -10.50 1.29 18.94
C PRO A 282 -10.51 2.52 19.85
N ASN A 283 -10.76 3.68 19.24
CA ASN A 283 -10.99 4.92 19.95
C ASN A 283 -12.46 4.94 20.43
N ALA A 284 -12.85 5.99 21.17
CA ALA A 284 -14.22 6.12 21.67
C ALA A 284 -15.19 6.71 20.64
N GLY A 285 -14.90 6.52 19.34
CA GLY A 285 -15.60 7.20 18.26
C GLY A 285 -15.16 8.66 18.11
N LEU A 286 -15.85 9.37 17.23
CA LEU A 286 -15.49 10.74 16.92
C LEU A 286 -16.17 11.68 17.93
N PRO A 287 -15.48 12.75 18.39
CA PRO A 287 -15.99 13.62 19.43
C PRO A 287 -17.09 14.55 18.96
N ARG A 288 -17.99 14.93 19.90
CA ARG A 288 -19.03 15.93 19.69
C ARG A 288 -18.90 16.98 20.78
N ASN A 289 -19.73 18.04 20.65
CA ASN A 289 -19.77 19.19 21.54
C ASN A 289 -21.20 19.33 22.10
N GLU A 290 -21.40 18.86 23.35
CA GLU A 290 -22.68 18.85 24.04
C GLU A 290 -22.74 20.01 25.02
N GLY A 291 -22.94 21.21 24.48
CA GLY A 291 -23.18 22.39 25.28
C GLY A 291 -21.90 22.79 26.02
N GLY A 292 -20.83 23.02 25.26
CA GLY A 292 -19.52 23.35 25.83
C GLY A 292 -18.60 22.12 25.92
N ARG A 293 -19.11 21.03 26.51
CA ARG A 293 -18.28 19.91 26.96
C ARG A 293 -18.07 18.95 25.80
N VAL A 294 -16.84 18.40 25.71
CA VAL A 294 -16.43 17.58 24.56
C VAL A 294 -16.66 16.12 24.93
N VAL A 295 -17.56 15.43 24.18
CA VAL A 295 -18.14 14.16 24.59
C VAL A 295 -17.81 13.08 23.56
N TYR A 296 -17.53 11.86 24.07
CA TYR A 296 -17.44 10.62 23.30
C TYR A 296 -18.58 9.68 23.66
N ASP A 297 -19.07 8.95 22.64
CA ASP A 297 -20.31 8.19 22.71
C ASP A 297 -20.10 6.74 23.16
N LEU A 298 -18.90 6.16 22.99
CA LEU A 298 -18.62 4.82 23.49
C LEU A 298 -18.43 4.87 25.01
N THR A 299 -19.39 4.24 25.74
CA THR A 299 -19.31 4.03 27.18
C THR A 299 -18.26 2.95 27.46
N PRO A 300 -17.73 2.86 28.72
CA PRO A 300 -16.90 1.73 29.15
C PRO A 300 -17.60 0.37 29.20
N GLU A 301 -18.90 0.36 29.55
CA GLU A 301 -19.74 -0.83 29.54
C GLU A 301 -19.86 -1.42 28.14
N GLU A 302 -19.95 -0.56 27.10
CA GLU A 302 -20.03 -0.98 25.70
C GLU A 302 -18.69 -1.48 25.18
N LEU A 303 -17.56 -0.87 25.60
CA LEU A 303 -16.23 -1.30 25.16
C LEU A 303 -15.88 -2.67 25.74
N ALA A 304 -16.33 -2.97 26.96
CA ALA A 304 -16.20 -4.29 27.54
C ALA A 304 -16.99 -5.33 26.75
N LYS A 305 -18.24 -5.00 26.36
CA LYS A 305 -19.09 -5.89 25.58
C LYS A 305 -18.57 -6.10 24.15
N TRP A 306 -17.68 -5.21 23.65
CA TRP A 306 -17.01 -5.42 22.37
C TRP A 306 -15.75 -6.28 22.55
N HIS A 307 -14.87 -5.95 23.51
CA HIS A 307 -13.62 -6.68 23.67
C HIS A 307 -13.81 -8.10 24.19
N LEU A 308 -14.94 -8.39 24.87
CA LEU A 308 -15.33 -9.75 25.24
C LEU A 308 -15.64 -10.56 23.99
N LYS A 309 -16.45 -9.98 23.08
CA LYS A 309 -16.75 -10.59 21.79
C LYS A 309 -15.49 -10.87 20.97
N PHE A 310 -14.54 -9.90 20.94
CA PHE A 310 -13.31 -10.01 20.17
C PHE A 310 -12.43 -11.11 20.75
N VAL A 311 -12.25 -11.11 22.09
CA VAL A 311 -11.33 -12.01 22.75
C VAL A 311 -11.89 -13.42 22.80
N ALA A 312 -13.21 -13.57 23.00
CA ALA A 312 -13.83 -14.87 23.26
C ALA A 312 -14.47 -15.52 22.02
N GLU A 313 -14.95 -14.74 21.03
CA GLU A 313 -15.52 -15.30 19.81
C GLU A 313 -14.46 -15.42 18.70
N TYR A 314 -13.72 -14.32 18.44
CA TYR A 314 -12.83 -14.22 17.30
C TYR A 314 -11.46 -14.79 17.65
N GLY A 315 -11.00 -14.58 18.89
CA GLY A 315 -9.71 -15.07 19.36
C GLY A 315 -8.62 -13.98 19.36
N VAL A 316 -9.02 -12.70 19.47
CA VAL A 316 -8.08 -11.59 19.51
C VAL A 316 -7.28 -11.69 20.80
N ASN A 317 -5.95 -11.43 20.75
CA ASN A 317 -5.07 -11.64 21.88
C ASN A 317 -4.95 -10.37 22.74
N ALA A 318 -4.60 -9.24 22.13
CA ALA A 318 -4.39 -7.99 22.86
C ALA A 318 -5.57 -7.05 22.59
N VAL A 319 -6.01 -6.34 23.63
CA VAL A 319 -7.12 -5.42 23.54
C VAL A 319 -6.85 -4.19 24.40
N GLY A 320 -7.39 -3.04 23.93
CA GLY A 320 -7.12 -1.74 24.53
C GLY A 320 -7.98 -0.64 23.90
N GLY A 321 -7.52 0.61 24.02
CA GLY A 321 -8.23 1.78 23.51
C GLY A 321 -7.28 2.85 22.95
N CYS A 322 -7.89 3.79 22.20
CA CYS A 322 -7.20 4.90 21.57
C CYS A 322 -7.95 6.19 21.94
N CYS A 323 -8.07 7.14 21.02
CA CYS A 323 -8.39 8.53 21.35
C CYS A 323 -9.80 8.68 21.97
N GLY A 324 -9.87 9.17 23.22
CA GLY A 324 -11.14 9.48 23.88
C GLY A 324 -11.63 8.38 24.81
N THR A 325 -10.82 7.31 25.00
CA THR A 325 -10.99 6.39 26.12
C THR A 325 -10.16 6.89 27.31
N GLY A 326 -10.46 6.33 28.49
CA GLY A 326 -9.86 6.74 29.75
C GLY A 326 -9.65 5.53 30.67
N PRO A 327 -9.15 5.76 31.91
CA PRO A 327 -9.08 4.71 32.93
C PRO A 327 -10.36 3.91 33.18
N GLU A 328 -11.54 4.54 33.04
CA GLU A 328 -12.81 3.86 33.23
C GLU A 328 -13.04 2.79 32.17
N HIS A 329 -12.61 3.03 30.93
CA HIS A 329 -12.73 2.07 29.84
C HIS A 329 -11.88 0.84 30.12
N ILE A 330 -10.61 1.04 30.50
CA ILE A 330 -9.66 -0.04 30.73
C ILE A 330 -10.07 -0.87 31.96
N ARG A 331 -10.66 -0.23 32.98
CA ARG A 331 -11.12 -0.90 34.20
C ARG A 331 -12.09 -2.03 33.83
N LYS A 332 -13.15 -1.71 33.08
CA LYS A 332 -14.18 -2.65 32.68
C LYS A 332 -13.66 -3.66 31.67
N VAL A 333 -12.60 -3.32 30.91
CA VAL A 333 -11.98 -4.22 29.95
C VAL A 333 -11.14 -5.26 30.71
N ALA A 334 -10.39 -4.82 31.74
CA ALA A 334 -9.54 -5.71 32.53
C ALA A 334 -10.37 -6.77 33.25
N GLU A 335 -11.57 -6.40 33.71
CA GLU A 335 -12.53 -7.33 34.31
C GLU A 335 -12.89 -8.40 33.27
N ALA A 336 -13.52 -8.00 32.15
CA ALA A 336 -14.25 -8.87 31.25
C ALA A 336 -13.40 -9.99 30.63
N VAL A 337 -12.08 -9.77 30.49
CA VAL A 337 -11.19 -10.64 29.73
C VAL A 337 -10.35 -11.59 30.63
N LYS A 338 -10.37 -11.42 31.96
CA LYS A 338 -9.48 -12.13 32.87
C LYS A 338 -9.99 -13.55 33.06
N GLY A 339 -9.12 -14.54 32.81
CA GLY A 339 -9.51 -15.94 32.78
C GLY A 339 -10.40 -16.25 31.59
N LEU A 340 -9.85 -16.06 30.39
CA LEU A 340 -10.35 -16.68 29.16
C LEU A 340 -9.16 -17.39 28.54
N ALA A 341 -9.40 -18.58 27.97
CA ALA A 341 -8.33 -19.48 27.53
C ALA A 341 -7.97 -19.17 26.07
N PRO A 342 -6.79 -18.58 25.73
CA PRO A 342 -6.55 -18.08 24.38
C PRO A 342 -6.52 -19.16 23.28
N LYS A 343 -7.32 -18.94 22.21
CA LYS A 343 -7.37 -19.83 21.05
C LYS A 343 -6.02 -19.86 20.34
N PRO A 344 -5.47 -21.03 19.92
CA PRO A 344 -4.21 -21.05 19.18
C PRO A 344 -4.36 -20.53 17.75
N ARG A 345 -3.36 -19.74 17.27
CA ARG A 345 -3.49 -19.04 15.99
C ARG A 345 -3.28 -20.05 14.87
N PRO A 346 -3.92 -19.88 13.67
CA PRO A 346 -3.76 -20.81 12.54
C PRO A 346 -2.31 -21.13 12.17
N GLU A 347 -2.06 -22.37 11.70
CA GLU A 347 -0.72 -22.91 11.56
C GLU A 347 -0.07 -22.44 10.25
N SER A 348 -0.82 -22.44 9.12
CA SER A 348 -0.32 -21.97 7.83
C SER A 348 -1.22 -20.89 7.22
N PHE A 349 -0.67 -20.18 6.23
CA PHE A 349 -1.28 -19.03 5.55
C PHE A 349 -1.33 -19.28 4.04
N PRO A 350 -2.46 -19.05 3.31
CA PRO A 350 -2.50 -19.32 1.86
C PRO A 350 -1.63 -18.37 1.06
N PRO A 351 -0.74 -18.87 0.15
CA PRO A 351 0.18 -18.00 -0.59
C PRO A 351 -0.53 -16.98 -1.46
N GLN A 352 -0.26 -15.69 -1.24
CA GLN A 352 -0.81 -14.66 -2.11
C GLN A 352 0.21 -13.52 -2.28
N VAL A 353 -0.04 -12.68 -3.32
CA VAL A 353 0.64 -11.39 -3.50
C VAL A 353 -0.39 -10.26 -3.50
N ALA A 354 0.04 -9.00 -3.74
CA ALA A 354 -0.85 -7.85 -3.56
C ALA A 354 -0.30 -6.56 -4.17
N SER A 355 -1.24 -5.69 -4.57
CA SER A 355 -0.96 -4.35 -5.10
C SER A 355 -1.15 -3.39 -3.94
N LEU A 356 -1.24 -2.09 -4.23
CA LEU A 356 -1.64 -1.13 -3.24
C LEU A 356 -3.03 -1.50 -2.72
N TYR A 357 -3.95 -2.02 -3.56
CA TYR A 357 -5.38 -2.04 -3.29
C TYR A 357 -5.97 -3.41 -2.91
N GLN A 358 -5.48 -4.53 -3.49
CA GLN A 358 -6.08 -5.85 -3.27
C GLN A 358 -5.03 -6.97 -3.35
N ALA A 359 -5.37 -8.14 -2.77
CA ALA A 359 -4.54 -9.33 -2.80
C ALA A 359 -4.98 -10.25 -3.96
N VAL A 360 -4.11 -11.21 -4.30
CA VAL A 360 -4.31 -12.18 -5.39
C VAL A 360 -3.65 -13.48 -4.94
N SER A 361 -4.41 -14.59 -5.06
CA SER A 361 -3.88 -15.90 -4.70
C SER A 361 -2.86 -16.36 -5.74
N LEU A 362 -1.78 -17.01 -5.28
CA LEU A 362 -0.80 -17.63 -6.17
C LEU A 362 -1.33 -18.98 -6.68
N LYS A 363 -2.18 -19.66 -5.89
CA LYS A 363 -2.96 -20.82 -6.39
C LYS A 363 -4.31 -20.32 -6.91
N GLN A 364 -4.59 -20.52 -8.22
CA GLN A 364 -5.89 -20.24 -8.82
C GLN A 364 -6.54 -21.57 -9.17
N GLU A 365 -7.83 -21.81 -8.78
CA GLU A 365 -8.42 -23.15 -8.81
C GLU A 365 -8.65 -23.58 -10.27
N ALA A 366 -7.95 -24.68 -10.64
CA ALA A 366 -8.03 -25.40 -11.91
C ALA A 366 -7.49 -24.53 -13.05
N SER A 367 -6.57 -23.63 -12.72
CA SER A 367 -6.33 -22.43 -13.51
C SER A 367 -4.89 -22.00 -13.29
N LEU A 368 -4.52 -20.77 -13.68
CA LEU A 368 -3.15 -20.27 -13.64
C LEU A 368 -3.07 -18.83 -13.14
N PHE A 369 -1.91 -18.54 -12.51
CA PHE A 369 -1.55 -17.18 -12.24
C PHE A 369 -0.87 -16.67 -13.51
N LEU A 370 -1.49 -15.63 -14.14
CA LEU A 370 -1.11 -15.15 -15.45
C LEU A 370 -0.38 -13.83 -15.27
N VAL A 371 0.83 -13.73 -15.84
CA VAL A 371 1.72 -12.59 -15.71
C VAL A 371 1.87 -12.01 -17.10
N GLY A 372 1.28 -10.83 -17.32
CA GLY A 372 1.30 -10.16 -18.59
C GLY A 372 2.73 -9.73 -18.91
N GLU A 373 3.18 -10.03 -20.14
CA GLU A 373 4.60 -10.02 -20.47
C GLU A 373 5.02 -8.76 -21.22
N ARG A 374 4.06 -7.90 -21.58
CA ARG A 374 4.24 -6.87 -22.58
C ARG A 374 4.90 -5.59 -22.12
N LEU A 375 5.12 -5.36 -20.81
CA LEU A 375 6.02 -4.32 -20.35
C LEU A 375 7.48 -4.82 -20.32
N ASN A 376 8.02 -5.19 -21.48
CA ASN A 376 9.37 -5.70 -21.60
C ASN A 376 10.03 -4.97 -22.78
N ALA A 377 11.06 -4.15 -22.55
CA ALA A 377 11.67 -3.29 -23.57
C ALA A 377 12.19 -4.11 -24.74
N THR A 378 12.82 -5.25 -24.45
CA THR A 378 13.28 -6.15 -25.52
C THR A 378 12.11 -6.80 -26.27
N GLY A 379 11.06 -7.23 -25.53
CA GLY A 379 9.96 -8.05 -26.04
C GLY A 379 8.67 -7.30 -26.38
N SER A 380 8.71 -5.99 -26.61
CA SER A 380 7.53 -5.27 -27.07
C SER A 380 7.93 -3.92 -27.65
N LYS A 381 7.86 -3.81 -29.00
CA LYS A 381 8.16 -2.60 -29.73
C LYS A 381 7.39 -1.41 -29.18
N ARG A 382 6.09 -1.60 -28.87
CA ARG A 382 5.19 -0.53 -28.44
C ARG A 382 5.63 0.03 -27.08
N PHE A 383 6.09 -0.88 -26.18
CA PHE A 383 6.50 -0.50 -24.84
C PHE A 383 7.82 0.28 -24.87
N ARG A 384 8.83 -0.36 -25.46
CA ARG A 384 10.12 0.21 -25.80
C ARG A 384 9.98 1.64 -26.32
N GLU A 385 9.12 1.85 -27.33
CA GLU A 385 8.96 3.16 -27.95
C GLU A 385 8.45 4.20 -26.98
N MET A 386 7.44 3.86 -26.18
CA MET A 386 6.77 4.81 -25.30
C MET A 386 7.60 5.07 -24.04
N LEU A 387 8.41 4.08 -23.62
CA LEU A 387 9.42 4.22 -22.58
C LEU A 387 10.40 5.33 -22.96
N PHE A 388 10.92 5.31 -24.19
CA PHE A 388 11.95 6.25 -24.62
C PHE A 388 11.33 7.60 -24.99
N ALA A 389 10.09 7.60 -25.53
CA ALA A 389 9.35 8.81 -25.79
C ALA A 389 8.75 9.45 -24.53
N ARG A 390 8.86 8.79 -23.37
CA ARG A 390 8.36 9.28 -22.08
C ARG A 390 6.85 9.50 -22.17
N ASP A 391 6.12 8.49 -22.67
CA ASP A 391 4.67 8.55 -22.89
C ASP A 391 3.96 7.77 -21.78
N LEU A 392 3.57 8.49 -20.71
CA LEU A 392 3.16 7.86 -19.47
C LEU A 392 1.76 7.29 -19.68
N GLU A 393 0.85 8.12 -20.17
CA GLU A 393 -0.52 7.75 -20.48
C GLU A 393 -0.57 6.48 -21.35
N GLY A 394 0.32 6.37 -22.35
CA GLY A 394 0.34 5.23 -23.27
C GLY A 394 0.73 3.91 -22.59
N ILE A 395 1.60 3.98 -21.57
CA ILE A 395 2.11 2.84 -20.80
C ILE A 395 1.04 2.32 -19.81
N LEU A 396 0.17 3.22 -19.34
CA LEU A 396 -0.90 2.86 -18.45
C LEU A 396 -2.07 2.27 -19.23
N ALA A 397 -2.26 2.73 -20.46
CA ALA A 397 -3.22 2.12 -21.39
C ALA A 397 -2.82 0.66 -21.69
N LEU A 398 -1.52 0.40 -21.94
CA LEU A 398 -1.00 -0.95 -22.19
C LEU A 398 -1.20 -1.88 -20.98
N ALA A 399 -0.88 -1.33 -19.79
CA ALA A 399 -0.90 -2.07 -18.56
C ALA A 399 -2.34 -2.39 -18.19
N ARG A 400 -3.20 -1.35 -18.13
CA ARG A 400 -4.66 -1.45 -18.08
C ARG A 400 -5.21 -2.48 -19.07
N GLU A 401 -4.70 -2.52 -20.30
CA GLU A 401 -5.20 -3.40 -21.35
C GLU A 401 -4.97 -4.89 -21.05
N GLN A 402 -3.81 -5.27 -20.51
CA GLN A 402 -3.50 -6.65 -20.15
C GLN A 402 -4.32 -7.10 -18.95
N VAL A 403 -4.80 -6.17 -18.10
CA VAL A 403 -5.63 -6.51 -16.97
C VAL A 403 -7.00 -6.93 -17.50
N GLU A 404 -7.56 -6.13 -18.42
CA GLU A 404 -8.85 -6.41 -19.04
C GLU A 404 -8.90 -7.77 -19.74
N GLU A 405 -7.74 -8.37 -20.09
CA GLU A 405 -7.58 -9.62 -20.81
C GLU A 405 -7.17 -10.81 -19.92
N GLY A 406 -6.92 -10.62 -18.60
CA GLY A 406 -6.69 -11.79 -17.75
C GLY A 406 -5.41 -11.76 -16.93
N ALA A 407 -4.73 -10.63 -16.90
CA ALA A 407 -3.47 -10.51 -16.18
C ALA A 407 -3.76 -10.42 -14.68
N HIS A 408 -3.23 -11.41 -13.92
CA HIS A 408 -3.27 -11.39 -12.49
C HIS A 408 -2.21 -10.42 -11.93
N ALA A 409 -1.06 -10.33 -12.60
CA ALA A 409 0.09 -9.49 -12.27
C ALA A 409 0.77 -9.04 -13.58
N LEU A 410 1.87 -8.31 -13.47
CA LEU A 410 2.56 -7.78 -14.65
C LEU A 410 4.08 -7.88 -14.49
N ASP A 411 4.77 -8.23 -15.56
CA ASP A 411 6.24 -8.30 -15.60
C ASP A 411 6.81 -6.98 -16.11
N LEU A 412 7.84 -6.42 -15.46
CA LEU A 412 8.38 -5.13 -15.85
C LEU A 412 9.87 -5.29 -16.10
N SER A 413 10.28 -4.98 -17.35
CA SER A 413 11.69 -5.05 -17.80
C SER A 413 12.00 -3.83 -18.67
N VAL A 414 12.84 -2.91 -18.15
CA VAL A 414 13.24 -1.70 -18.83
C VAL A 414 14.65 -1.81 -19.47
N ALA A 415 15.35 -2.94 -19.29
CA ALA A 415 16.75 -3.12 -19.77
C ALA A 415 16.89 -3.01 -21.31
N TRP A 416 17.90 -2.27 -21.80
CA TRP A 416 18.13 -2.03 -23.23
C TRP A 416 19.53 -1.49 -23.41
N THR A 417 20.26 -1.91 -24.46
CA THR A 417 21.66 -1.55 -24.66
C THR A 417 21.80 -0.04 -24.76
N GLY A 418 22.65 0.54 -23.86
CA GLY A 418 23.02 1.94 -23.89
C GLY A 418 22.05 2.87 -23.18
N ARG A 419 21.14 2.33 -22.37
CA ARG A 419 20.30 3.11 -21.46
C ARG A 419 20.71 2.81 -20.03
N ASP A 420 20.38 3.73 -19.12
CA ASP A 420 20.55 3.50 -17.70
C ASP A 420 19.27 2.90 -17.13
N GLU A 421 19.36 1.64 -16.66
CA GLU A 421 18.22 0.89 -16.20
C GLU A 421 17.54 1.57 -15.01
N LEU A 422 18.35 2.24 -14.19
CA LEU A 422 17.88 2.83 -12.95
C LEU A 422 17.21 4.17 -13.19
N GLU A 423 17.74 4.98 -14.11
CA GLU A 423 17.17 6.25 -14.52
C GLU A 423 15.77 6.06 -15.07
N ASP A 424 15.54 5.03 -15.91
CA ASP A 424 14.23 4.74 -16.46
C ASP A 424 13.28 4.23 -15.38
N LEU A 425 13.78 3.41 -14.45
CA LEU A 425 13.02 2.90 -13.33
C LEU A 425 12.57 4.04 -12.42
N ARG A 426 13.40 5.07 -12.18
CA ARG A 426 13.00 6.12 -11.23
C ARG A 426 11.91 7.02 -11.80
N TRP A 427 11.88 7.19 -13.13
CA TRP A 427 10.79 7.89 -13.79
C TRP A 427 9.45 7.15 -13.70
N LEU A 428 9.48 5.81 -13.82
CA LEU A 428 8.30 5.02 -14.13
C LEU A 428 7.55 4.60 -12.87
N LEU A 429 8.28 4.13 -11.83
CA LEU A 429 7.72 3.45 -10.67
C LEU A 429 6.82 4.32 -9.78
N PRO A 430 7.07 5.64 -9.52
CA PRO A 430 6.11 6.51 -8.85
C PRO A 430 4.70 6.47 -9.42
N HIS A 431 4.59 6.43 -10.77
CA HIS A 431 3.32 6.42 -11.47
C HIS A 431 2.65 5.04 -11.36
N LEU A 432 3.42 3.94 -11.58
CA LEU A 432 2.92 2.56 -11.49
C LEU A 432 2.46 2.17 -10.08
N ALA A 433 3.16 2.62 -9.03
CA ALA A 433 2.90 2.31 -7.64
C ALA A 433 1.45 2.53 -7.21
N THR A 434 0.81 3.59 -7.75
CA THR A 434 -0.61 3.88 -7.55
C THR A 434 -1.48 3.62 -8.79
N ALA A 435 -0.90 3.62 -10.01
CA ALA A 435 -1.69 3.42 -11.23
C ALA A 435 -2.29 2.02 -11.28
N LEU A 436 -1.47 1.00 -11.02
CA LEU A 436 -1.84 -0.39 -11.28
C LEU A 436 -2.81 -0.94 -10.23
N THR A 437 -3.73 -1.81 -10.64
CA THR A 437 -4.68 -2.46 -9.73
C THR A 437 -4.25 -3.90 -9.45
N VAL A 438 -3.05 -4.32 -9.89
CA VAL A 438 -2.56 -5.69 -9.76
C VAL A 438 -1.08 -5.64 -9.41
N PRO A 439 -0.50 -6.73 -8.82
CA PRO A 439 0.90 -6.75 -8.40
C PRO A 439 1.96 -6.72 -9.49
N VAL A 440 3.19 -6.32 -9.13
CA VAL A 440 4.28 -6.24 -10.11
C VAL A 440 5.25 -7.43 -9.91
N MET A 441 5.84 -7.90 -11.02
CA MET A 441 6.97 -8.81 -11.02
C MET A 441 8.13 -8.05 -11.64
N VAL A 442 9.20 -7.81 -10.88
CA VAL A 442 10.29 -6.95 -11.30
C VAL A 442 11.33 -7.87 -11.97
N ASP A 443 11.63 -7.59 -13.25
CA ASP A 443 12.42 -8.42 -14.16
C ASP A 443 13.75 -7.71 -14.40
N SER A 444 14.84 -8.32 -13.93
CA SER A 444 16.16 -7.72 -13.98
C SER A 444 17.25 -8.74 -13.65
N THR A 445 18.43 -8.62 -14.29
CA THR A 445 19.63 -9.31 -13.86
C THR A 445 20.37 -8.49 -12.79
N SER A 446 20.08 -7.19 -12.62
CA SER A 446 20.74 -6.30 -11.68
C SER A 446 20.10 -6.39 -10.29
N PRO A 447 20.81 -6.87 -9.24
CA PRO A 447 20.29 -6.75 -7.87
C PRO A 447 19.98 -5.33 -7.41
N GLU A 448 20.64 -4.30 -7.97
CA GLU A 448 20.41 -2.91 -7.61
C GLU A 448 19.09 -2.38 -8.20
N ALA A 449 18.65 -2.92 -9.33
CA ALA A 449 17.39 -2.58 -9.94
C ALA A 449 16.20 -3.10 -9.11
N MET A 450 16.31 -4.35 -8.63
CA MET A 450 15.34 -4.91 -7.72
C MET A 450 15.25 -4.10 -6.43
N GLU A 451 16.43 -3.73 -5.91
CA GLU A 451 16.53 -2.99 -4.66
C GLU A 451 15.79 -1.67 -4.79
N LEU A 452 16.14 -0.87 -5.79
CA LEU A 452 15.42 0.38 -6.11
C LEU A 452 13.90 0.14 -6.19
N ALA A 453 13.45 -0.83 -6.99
CA ALA A 453 12.03 -1.11 -7.22
C ALA A 453 11.24 -1.30 -5.92
N LEU A 454 11.83 -2.04 -4.97
CA LEU A 454 11.23 -2.33 -3.67
C LEU A 454 11.09 -1.09 -2.76
N LYS A 455 11.82 -0.01 -3.05
CA LYS A 455 11.66 1.27 -2.38
C LYS A 455 10.48 2.11 -2.91
N TYR A 456 9.73 1.59 -3.87
CA TYR A 456 8.70 2.35 -4.58
C TYR A 456 7.39 1.60 -4.71
N LEU A 457 7.41 0.28 -4.88
CA LEU A 457 6.23 -0.51 -5.17
C LEU A 457 5.59 -1.08 -3.90
N PRO A 458 4.38 -0.61 -3.47
CA PRO A 458 3.61 -1.18 -2.35
C PRO A 458 3.26 -2.66 -2.44
N GLY A 459 2.54 -3.12 -1.40
CA GLY A 459 2.00 -4.46 -1.39
C GLY A 459 3.10 -5.49 -1.18
N ARG A 460 2.84 -6.72 -1.62
CA ARG A 460 3.79 -7.83 -1.69
C ARG A 460 4.06 -8.10 -3.18
N VAL A 461 5.36 -8.19 -3.51
CA VAL A 461 5.87 -8.18 -4.89
C VAL A 461 6.62 -9.49 -5.18
N LEU A 462 6.91 -9.70 -6.48
CA LEU A 462 7.62 -10.87 -6.99
C LEU A 462 8.93 -10.40 -7.64
N LEU A 463 10.01 -11.16 -7.46
CA LEU A 463 11.33 -10.83 -7.98
C LEU A 463 11.76 -11.91 -8.97
N ASN A 464 12.18 -11.45 -10.19
CA ASN A 464 12.47 -12.33 -11.29
C ASN A 464 13.82 -11.91 -11.84
N SER A 465 14.89 -12.72 -11.69
CA SER A 465 14.98 -13.95 -10.89
C SER A 465 16.25 -13.95 -10.04
N ALA A 466 16.37 -14.99 -9.21
CA ALA A 466 17.62 -15.44 -8.61
C ALA A 466 18.05 -16.73 -9.30
N ASN A 467 19.34 -16.83 -9.62
CA ASN A 467 19.93 -18.05 -10.16
C ASN A 467 21.38 -18.11 -9.69
N LEU A 468 22.03 -19.22 -10.02
CA LEU A 468 23.45 -19.46 -9.77
C LEU A 468 24.29 -19.24 -11.04
N GLU A 469 23.85 -18.42 -12.00
CA GLU A 469 24.64 -18.13 -13.20
C GLU A 469 26.00 -17.56 -12.80
N ASP A 470 26.00 -16.44 -12.06
CA ASP A 470 27.22 -15.73 -11.66
C ASP A 470 27.65 -16.09 -10.23
N GLY A 471 27.37 -17.33 -9.81
CA GLY A 471 27.84 -17.87 -8.54
C GLY A 471 26.87 -17.63 -7.40
N LEU A 472 27.41 -17.76 -6.18
CA LEU A 472 26.65 -17.76 -4.93
C LEU A 472 26.40 -16.35 -4.35
N GLU A 473 27.28 -15.39 -4.69
CA GLU A 473 27.12 -13.98 -4.36
C GLU A 473 25.72 -13.48 -4.70
N ARG A 474 25.44 -13.36 -6.02
CA ARG A 474 24.20 -12.82 -6.56
C ARG A 474 22.98 -13.61 -6.08
N PHE A 475 23.12 -14.92 -5.96
CA PHE A 475 22.04 -15.77 -5.50
C PHE A 475 21.63 -15.33 -4.11
N ASP A 476 22.59 -15.27 -3.19
CA ASP A 476 22.32 -14.94 -1.80
C ASP A 476 21.87 -13.48 -1.62
N ARG A 477 22.47 -12.58 -2.40
CA ARG A 477 22.12 -11.16 -2.42
C ARG A 477 20.61 -11.01 -2.58
N VAL A 478 20.10 -11.57 -3.69
CA VAL A 478 18.70 -11.48 -4.12
C VAL A 478 17.76 -12.22 -3.16
N ALA A 479 18.19 -13.39 -2.66
CA ALA A 479 17.45 -14.16 -1.67
C ALA A 479 17.28 -13.40 -0.34
N SER A 480 18.33 -12.69 0.14
CA SER A 480 18.21 -11.86 1.33
C SER A 480 17.22 -10.72 1.06
N LEU A 481 17.36 -10.06 -0.09
CA LEU A 481 16.47 -8.98 -0.50
C LEU A 481 14.98 -9.40 -0.50
N ALA A 482 14.67 -10.59 -1.07
CA ALA A 482 13.32 -11.14 -1.05
C ALA A 482 12.83 -11.53 0.35
N LYS A 483 13.71 -12.02 1.23
CA LYS A 483 13.41 -12.24 2.64
C LYS A 483 13.03 -10.93 3.37
N ALA A 484 13.74 -9.84 3.12
CA ALA A 484 13.55 -8.61 3.88
C ALA A 484 12.24 -7.95 3.49
N HIS A 485 12.08 -7.67 2.21
CA HIS A 485 10.89 -6.99 1.69
C HIS A 485 9.66 -7.89 1.65
N GLY A 486 9.84 -9.19 1.93
CA GLY A 486 8.73 -10.11 2.08
C GLY A 486 8.00 -10.32 0.76
N ALA A 487 8.83 -10.63 -0.24
CA ALA A 487 8.51 -10.83 -1.64
C ALA A 487 8.68 -12.29 -2.06
N ALA A 488 7.89 -12.70 -3.10
CA ALA A 488 8.01 -14.00 -3.76
C ALA A 488 9.14 -14.00 -4.78
N LEU A 489 9.82 -15.15 -4.90
CA LEU A 489 11.10 -15.22 -5.56
C LEU A 489 10.98 -16.24 -6.68
N VAL A 490 11.25 -15.78 -7.92
CA VAL A 490 11.34 -16.69 -9.06
C VAL A 490 12.76 -17.24 -8.99
N VAL A 491 12.86 -18.56 -9.09
CA VAL A 491 14.12 -19.29 -9.03
C VAL A 491 14.32 -19.87 -10.43
N LEU A 492 15.33 -19.37 -11.17
CA LEU A 492 15.67 -19.88 -12.49
C LEU A 492 16.72 -21.01 -12.39
N ALA A 493 16.71 -21.99 -13.30
CA ALA A 493 17.54 -23.21 -13.24
C ALA A 493 18.76 -23.09 -14.14
N ILE A 494 19.69 -22.23 -13.73
CA ILE A 494 20.96 -21.99 -14.38
C ILE A 494 21.99 -21.93 -13.27
N ASP A 495 23.05 -22.72 -13.41
CA ASP A 495 24.14 -22.78 -12.45
C ASP A 495 25.43 -22.29 -13.12
N GLU A 496 26.55 -22.36 -12.39
CA GLU A 496 27.80 -21.70 -12.78
C GLU A 496 28.42 -22.32 -14.05
N LYS A 497 27.96 -23.51 -14.44
CA LYS A 497 28.44 -24.25 -15.62
C LYS A 497 27.53 -24.09 -16.84
N GLY A 498 26.31 -23.57 -16.67
CA GLY A 498 25.47 -23.21 -17.82
C GLY A 498 23.99 -23.46 -17.60
N MET A 499 23.22 -23.38 -18.69
CA MET A 499 21.78 -23.60 -18.69
C MET A 499 21.50 -25.10 -18.63
N ALA A 500 20.46 -25.47 -17.87
CA ALA A 500 20.10 -26.85 -17.63
C ALA A 500 19.09 -27.35 -18.69
N LYS A 501 19.59 -28.20 -19.61
CA LYS A 501 18.90 -28.63 -20.83
C LYS A 501 18.16 -29.95 -20.65
N THR A 502 18.84 -30.93 -20.02
CA THR A 502 18.25 -32.26 -19.78
C THR A 502 17.40 -32.20 -18.51
N ARG A 503 16.51 -33.18 -18.31
CA ARG A 503 15.71 -33.29 -17.10
C ARG A 503 16.55 -33.51 -15.83
N GLU A 504 17.67 -34.24 -15.95
CA GLU A 504 18.53 -34.62 -14.83
C GLU A 504 19.29 -33.38 -14.33
N GLU A 505 19.71 -32.53 -15.29
CA GLU A 505 20.31 -31.24 -15.00
C GLU A 505 19.33 -30.28 -14.32
N LYS A 506 18.04 -30.32 -14.70
CA LYS A 506 17.05 -29.41 -14.15
C LYS A 506 16.77 -29.75 -12.68
N VAL A 507 16.69 -31.05 -12.38
CA VAL A 507 16.37 -31.49 -11.03
C VAL A 507 17.54 -31.13 -10.12
N ARG A 508 18.75 -31.62 -10.43
CA ARG A 508 19.93 -31.34 -9.64
C ARG A 508 19.92 -29.89 -9.20
N VAL A 509 19.77 -28.96 -10.18
CA VAL A 509 19.86 -27.52 -9.92
C VAL A 509 18.68 -27.04 -9.07
N ALA A 510 17.45 -27.40 -9.42
CA ALA A 510 16.29 -27.02 -8.63
C ALA A 510 16.36 -27.52 -7.18
N LEU A 511 16.89 -28.72 -6.95
CA LEU A 511 17.07 -29.37 -5.65
C LEU A 511 18.05 -28.61 -4.75
N ARG A 512 19.23 -28.21 -5.30
CA ARG A 512 20.26 -27.42 -4.62
C ARG A 512 19.79 -26.02 -4.23
N MET A 513 19.20 -25.26 -5.17
CA MET A 513 18.69 -23.94 -4.88
C MET A 513 17.62 -24.01 -3.79
N TYR A 514 16.62 -24.89 -3.97
CA TYR A 514 15.63 -25.18 -2.96
C TYR A 514 16.24 -25.30 -1.54
N GLU A 515 17.40 -25.96 -1.44
CA GLU A 515 18.08 -26.22 -0.18
C GLU A 515 18.72 -24.95 0.40
N ARG A 516 19.33 -24.10 -0.43
CA ARG A 516 19.82 -22.81 -0.01
C ARG A 516 18.68 -21.92 0.46
N LEU A 517 17.57 -21.89 -0.27
CA LEU A 517 16.52 -20.94 0.03
C LEU A 517 15.77 -21.32 1.31
N THR A 518 15.46 -22.61 1.53
CA THR A 518 14.59 -23.02 2.63
C THR A 518 15.39 -23.15 3.94
N GLU A 519 16.52 -23.88 3.92
CA GLU A 519 17.31 -24.19 5.11
C GLU A 519 18.21 -23.01 5.51
N HIS A 520 18.87 -22.35 4.55
CA HIS A 520 19.79 -21.26 4.84
C HIS A 520 19.00 -19.97 5.02
N HIS A 521 18.29 -19.51 4.00
CA HIS A 521 17.66 -18.18 3.99
C HIS A 521 16.30 -18.17 4.66
N GLY A 522 15.77 -19.32 5.05
CA GLY A 522 14.55 -19.37 5.85
C GLY A 522 13.28 -19.00 5.08
N LEU A 523 13.28 -19.24 3.76
CA LEU A 523 12.14 -18.95 2.89
C LEU A 523 11.20 -20.14 2.94
N ARG A 524 9.89 -19.88 2.89
CA ARG A 524 8.91 -20.94 2.72
C ARG A 524 8.96 -21.47 1.28
N PRO A 525 8.55 -22.73 1.04
CA PRO A 525 8.26 -23.22 -0.32
C PRO A 525 7.30 -22.32 -1.09
N GLU A 526 6.24 -21.85 -0.42
CA GLU A 526 5.15 -21.07 -1.03
C GLU A 526 5.58 -19.67 -1.46
N ASP A 527 6.81 -19.30 -1.15
CA ASP A 527 7.44 -18.08 -1.60
C ASP A 527 8.14 -18.29 -2.94
N LEU A 528 8.54 -19.52 -3.29
CA LEU A 528 9.30 -19.84 -4.49
C LEU A 528 8.39 -20.19 -5.67
N LEU A 529 8.68 -19.64 -6.86
CA LEU A 529 8.18 -20.10 -8.16
C LEU A 529 9.37 -20.55 -8.97
N PHE A 530 9.56 -21.87 -9.12
CA PHE A 530 10.71 -22.44 -9.82
C PHE A 530 10.47 -22.38 -11.34
N ASP A 531 11.30 -21.58 -12.04
CA ASP A 531 11.40 -21.47 -13.47
C ASP A 531 12.42 -22.49 -14.01
N LEU A 532 11.92 -23.60 -14.55
CA LEU A 532 12.74 -24.42 -15.44
C LEU A 532 12.74 -23.73 -16.80
N LEU A 533 13.53 -24.15 -17.79
CA LEU A 533 13.73 -23.25 -18.93
C LEU A 533 12.78 -23.59 -20.09
N THR A 534 12.22 -22.54 -20.74
CA THR A 534 11.51 -22.64 -22.00
C THR A 534 12.46 -22.25 -23.14
N PHE A 535 13.01 -23.26 -23.85
CA PHE A 535 13.81 -23.05 -25.07
C PHE A 535 13.00 -23.23 -26.36
N PRO A 536 13.34 -22.50 -27.47
CA PRO A 536 12.64 -22.63 -28.74
C PRO A 536 12.90 -23.95 -29.46
N ILE A 537 11.81 -24.72 -29.71
CA ILE A 537 11.88 -26.04 -30.31
C ILE A 537 11.65 -25.94 -31.82
N THR A 538 11.24 -24.77 -32.32
CA THR A 538 10.78 -24.57 -33.69
C THR A 538 11.79 -23.82 -34.58
N GLN A 539 13.03 -23.57 -34.14
CA GLN A 539 13.96 -22.73 -34.92
C GLN A 539 14.51 -23.40 -36.18
N GLY A 540 14.62 -24.75 -36.18
CA GLY A 540 15.16 -25.49 -37.32
C GLY A 540 16.08 -26.64 -36.90
N ASP A 541 16.77 -26.48 -35.77
CA ASP A 541 17.86 -27.37 -35.39
C ASP A 541 17.33 -28.66 -34.76
N GLU A 542 18.24 -29.67 -34.70
CA GLU A 542 17.95 -31.04 -34.32
C GLU A 542 17.99 -31.11 -32.80
N GLU A 543 19.15 -30.77 -32.19
CA GLU A 543 19.43 -30.89 -30.76
C GLU A 543 18.33 -30.27 -29.89
N SER A 544 17.66 -29.23 -30.43
CA SER A 544 16.61 -28.44 -29.79
C SER A 544 15.24 -29.12 -29.73
N ARG A 545 15.00 -30.18 -30.51
CA ARG A 545 13.71 -30.86 -30.59
C ARG A 545 13.17 -31.35 -29.25
N PRO A 546 13.94 -32.07 -28.36
CA PRO A 546 13.40 -32.64 -27.12
C PRO A 546 13.32 -31.69 -25.91
N LEU A 547 13.47 -30.37 -26.10
CA LEU A 547 13.75 -29.46 -24.98
C LEU A 547 12.49 -29.04 -24.21
N ALA A 548 11.32 -29.01 -24.85
CA ALA A 548 10.06 -28.76 -24.16
C ALA A 548 9.60 -30.01 -23.39
N LYS A 549 9.96 -31.19 -23.94
CA LYS A 549 9.70 -32.47 -23.29
C LYS A 549 10.50 -32.56 -21.99
N GLU A 550 11.82 -32.34 -22.07
CA GLU A 550 12.71 -32.36 -20.90
C GLU A 550 12.16 -31.59 -19.69
N THR A 551 11.59 -30.40 -19.94
CA THR A 551 11.05 -29.47 -18.96
C THR A 551 9.74 -29.94 -18.30
N LEU A 552 8.79 -30.47 -19.08
CA LEU A 552 7.55 -31.00 -18.56
C LEU A 552 7.82 -32.20 -17.66
N LEU A 553 8.73 -33.11 -18.10
CA LEU A 553 9.11 -34.26 -17.28
C LEU A 553 9.83 -33.87 -15.97
N ALA A 554 10.70 -32.85 -15.97
CA ALA A 554 11.30 -32.35 -14.74
C ALA A 554 10.23 -31.84 -13.77
N MET A 555 9.27 -31.07 -14.30
CA MET A 555 8.29 -30.36 -13.50
C MET A 555 7.34 -31.33 -12.80
N GLU A 556 7.00 -32.47 -13.40
CA GLU A 556 6.16 -33.48 -12.76
C GLU A 556 6.95 -34.29 -11.72
N GLU A 557 8.27 -34.41 -11.85
CA GLU A 557 9.14 -34.99 -10.83
C GLU A 557 9.23 -34.06 -9.62
N LEU A 558 9.58 -32.79 -9.87
CA LEU A 558 9.76 -31.81 -8.81
C LEU A 558 8.45 -31.46 -8.09
N ARG A 559 7.28 -31.69 -8.69
CA ARG A 559 6.01 -31.43 -8.02
C ARG A 559 5.87 -32.40 -6.83
N GLU A 560 6.24 -33.68 -7.08
CA GLU A 560 6.12 -34.74 -6.08
C GLU A 560 7.15 -34.54 -5.00
N ARG A 561 8.35 -34.07 -5.36
CA ARG A 561 9.48 -33.95 -4.43
C ARG A 561 9.47 -32.64 -3.64
N LEU A 562 8.73 -31.63 -4.05
CA LEU A 562 8.71 -30.31 -3.44
C LEU A 562 7.25 -29.88 -3.33
N PRO A 563 6.49 -30.41 -2.34
CA PRO A 563 5.04 -30.18 -2.24
C PRO A 563 4.56 -28.72 -2.32
N GLY A 564 5.24 -27.83 -1.60
CA GLY A 564 4.71 -26.51 -1.35
C GLY A 564 4.91 -25.54 -2.51
N VAL A 565 5.94 -25.79 -3.35
CA VAL A 565 6.47 -24.83 -4.30
C VAL A 565 5.46 -24.57 -5.41
N GLY A 566 5.70 -23.48 -6.14
CA GLY A 566 5.09 -23.21 -7.43
C GLY A 566 6.12 -23.32 -8.55
N PHE A 567 5.60 -23.29 -9.80
CA PHE A 567 6.43 -23.31 -10.99
C PHE A 567 5.95 -22.22 -11.95
N VAL A 568 6.92 -21.53 -12.60
CA VAL A 568 6.66 -20.45 -13.54
C VAL A 568 7.43 -20.75 -14.82
N LEU A 569 6.88 -20.35 -16.00
CA LEU A 569 7.53 -20.47 -17.30
C LEU A 569 7.20 -19.25 -18.15
N GLY A 570 8.13 -18.84 -19.02
CA GLY A 570 7.85 -17.92 -20.13
C GLY A 570 7.50 -18.69 -21.41
N VAL A 571 6.24 -19.10 -21.56
CA VAL A 571 5.83 -20.03 -22.61
C VAL A 571 5.96 -19.45 -24.03
N SER A 572 5.92 -18.11 -24.21
CA SER A 572 6.07 -17.51 -25.54
C SER A 572 7.46 -17.75 -26.19
N ASN A 573 8.47 -18.28 -25.46
CA ASN A 573 9.77 -18.65 -26.00
C ASN A 573 9.83 -20.03 -26.68
N VAL A 574 8.83 -20.89 -26.47
CA VAL A 574 8.74 -22.22 -27.07
C VAL A 574 8.52 -22.17 -28.59
N SER A 575 7.94 -21.07 -29.09
CA SER A 575 7.52 -20.86 -30.45
C SER A 575 8.43 -20.00 -31.37
N PHE A 576 9.67 -19.70 -31.01
CA PHE A 576 10.51 -18.78 -31.79
C PHE A 576 10.95 -19.45 -33.09
N GLY A 577 10.92 -18.67 -34.19
CA GLY A 577 11.12 -19.21 -35.52
C GLY A 577 9.83 -19.74 -36.14
N LEU A 578 8.75 -18.94 -36.08
CA LEU A 578 7.43 -19.28 -36.59
C LEU A 578 6.71 -17.95 -36.83
N LYS A 579 5.62 -18.03 -37.59
CA LYS A 579 4.81 -16.87 -37.92
C LYS A 579 3.93 -16.53 -36.72
N PRO A 580 3.47 -15.26 -36.57
CA PRO A 580 2.54 -14.86 -35.51
C PRO A 580 1.40 -15.82 -35.14
N ARG A 581 0.68 -16.35 -36.16
CA ARG A 581 -0.53 -17.15 -35.96
C ARG A 581 -0.22 -18.57 -35.52
N ALA A 582 0.82 -19.18 -36.12
CA ALA A 582 1.38 -20.43 -35.64
C ALA A 582 1.83 -20.33 -34.18
N ARG A 583 2.59 -19.28 -33.84
CA ARG A 583 3.16 -19.09 -32.50
C ARG A 583 2.08 -19.13 -31.42
N ARG A 584 1.00 -18.38 -31.65
CA ARG A 584 -0.18 -18.28 -30.79
C ARG A 584 -0.73 -19.64 -30.38
N VAL A 585 -0.83 -20.57 -31.34
CA VAL A 585 -1.48 -21.86 -31.14
C VAL A 585 -0.56 -22.80 -30.36
N LEU A 586 0.69 -22.94 -30.78
CA LEU A 586 1.67 -23.71 -30.05
C LEU A 586 1.82 -23.20 -28.60
N ASN A 587 1.78 -21.87 -28.39
CA ASN A 587 1.94 -21.31 -27.06
C ASN A 587 0.76 -21.63 -26.16
N SER A 588 -0.47 -21.61 -26.73
CA SER A 588 -1.69 -21.96 -26.04
C SER A 588 -1.71 -23.43 -25.65
N VAL A 589 -1.07 -24.29 -26.45
CA VAL A 589 -1.09 -25.74 -26.23
C VAL A 589 0.02 -26.10 -25.26
N PHE A 590 1.23 -25.52 -25.43
CA PHE A 590 2.32 -25.69 -24.45
C PHE A 590 1.89 -25.28 -23.05
N LEU A 591 1.17 -24.16 -22.93
CA LEU A 591 0.66 -23.67 -21.67
C LEU A 591 -0.25 -24.68 -20.98
N ASP A 592 -1.15 -25.32 -21.75
CA ASP A 592 -2.13 -26.25 -21.21
C ASP A 592 -1.46 -27.55 -20.78
N GLU A 593 -0.53 -28.10 -21.58
CA GLU A 593 0.19 -29.29 -21.17
C GLU A 593 1.04 -29.00 -19.93
N ALA A 594 1.53 -27.75 -19.76
CA ALA A 594 2.34 -27.38 -18.60
C ALA A 594 1.49 -27.41 -17.33
N ARG A 595 0.30 -26.82 -17.33
CA ARG A 595 -0.65 -26.92 -16.22
C ARG A 595 -0.84 -28.35 -15.71
N LYS A 596 -0.96 -29.32 -16.63
CA LYS A 596 -1.13 -30.72 -16.28
C LYS A 596 0.06 -31.31 -15.53
N ARG A 597 1.28 -30.82 -15.81
CA ARG A 597 2.52 -31.40 -15.31
C ARG A 597 2.95 -30.76 -13.99
N GLY A 598 2.34 -29.61 -13.61
CA GLY A 598 2.52 -28.99 -12.32
C GLY A 598 2.62 -27.45 -12.35
N LEU A 599 2.56 -26.82 -13.52
CA LEU A 599 2.71 -25.37 -13.64
C LEU A 599 1.59 -24.65 -12.88
N THR A 600 1.97 -23.72 -11.98
CA THR A 600 1.04 -22.85 -11.27
C THR A 600 0.97 -21.42 -11.81
N ALA A 601 1.91 -21.00 -12.68
CA ALA A 601 2.04 -19.59 -13.06
C ALA A 601 2.68 -19.54 -14.42
N ALA A 602 2.40 -18.47 -15.19
CA ALA A 602 2.98 -18.28 -16.48
C ALA A 602 3.18 -16.79 -16.78
N ILE A 603 4.25 -16.50 -17.59
CA ILE A 603 4.48 -15.24 -18.26
C ILE A 603 4.01 -15.43 -19.73
N VAL A 604 2.99 -14.67 -20.14
CA VAL A 604 2.17 -14.92 -21.34
C VAL A 604 1.67 -13.57 -21.87
N ASP A 605 1.31 -13.46 -23.14
CA ASP A 605 0.41 -12.42 -23.61
C ASP A 605 -1.01 -12.93 -23.42
N ALA A 606 -1.68 -12.36 -22.38
CA ALA A 606 -2.93 -12.88 -21.82
C ALA A 606 -4.05 -12.94 -22.85
N GLY A 607 -4.23 -11.87 -23.65
CA GLY A 607 -5.32 -11.81 -24.62
C GLY A 607 -5.09 -12.63 -25.90
N LYS A 608 -3.87 -13.17 -26.09
CA LYS A 608 -3.57 -14.09 -27.18
C LYS A 608 -3.39 -15.52 -26.69
N ILE A 609 -3.97 -15.88 -25.53
CA ILE A 609 -4.16 -17.26 -25.11
C ILE A 609 -5.51 -17.73 -25.66
N LEU A 610 -5.49 -18.78 -26.47
CA LEU A 610 -6.66 -19.45 -27.02
C LEU A 610 -7.06 -20.61 -26.12
N PRO A 611 -8.35 -20.76 -25.68
CA PRO A 611 -8.79 -22.02 -25.07
C PRO A 611 -8.58 -23.23 -25.99
N ILE A 612 -8.27 -24.42 -25.42
CA ILE A 612 -8.03 -25.63 -26.21
C ILE A 612 -9.25 -25.98 -27.07
N SER A 613 -10.46 -25.70 -26.57
CA SER A 613 -11.70 -25.87 -27.34
C SER A 613 -11.70 -25.12 -28.67
N GLN A 614 -11.02 -23.96 -28.76
CA GLN A 614 -11.04 -23.04 -29.89
C GLN A 614 -9.94 -23.31 -30.92
N ILE A 615 -9.12 -24.37 -30.75
CA ILE A 615 -7.99 -24.71 -31.62
C ILE A 615 -8.45 -25.78 -32.62
N PRO A 616 -8.21 -25.64 -33.94
CA PRO A 616 -8.40 -26.76 -34.87
C PRO A 616 -7.69 -28.05 -34.46
N GLU A 617 -8.36 -29.20 -34.68
CA GLU A 617 -7.89 -30.47 -34.14
C GLU A 617 -6.63 -30.95 -34.85
N GLU A 618 -6.53 -30.80 -36.17
CA GLU A 618 -5.31 -31.17 -36.89
C GLU A 618 -4.13 -30.31 -36.43
N ALA A 619 -4.40 -29.04 -36.05
CA ALA A 619 -3.36 -28.15 -35.54
C ALA A 619 -2.90 -28.58 -34.14
N TYR A 620 -3.87 -28.82 -33.22
CA TYR A 620 -3.70 -29.28 -31.86
C TYR A 620 -2.76 -30.49 -31.79
N ALA A 621 -3.03 -31.50 -32.62
CA ALA A 621 -2.34 -32.77 -32.57
C ALA A 621 -0.92 -32.67 -33.12
N LEU A 622 -0.69 -31.76 -34.07
CA LEU A 622 0.65 -31.47 -34.57
C LEU A 622 1.43 -30.68 -33.53
N ALA A 623 0.75 -29.80 -32.78
CA ALA A 623 1.35 -29.08 -31.66
C ALA A 623 1.86 -30.09 -30.65
N LEU A 624 1.06 -31.11 -30.33
CA LEU A 624 1.47 -32.17 -29.43
C LEU A 624 2.71 -32.90 -29.94
N ASP A 625 2.75 -33.19 -31.22
CA ASP A 625 3.85 -33.91 -31.86
C ASP A 625 5.17 -33.14 -31.77
N LEU A 626 5.12 -31.81 -31.92
CA LEU A 626 6.25 -30.94 -31.66
C LEU A 626 6.69 -31.04 -30.19
N ILE A 627 5.76 -30.74 -29.25
CA ILE A 627 6.06 -30.53 -27.84
C ILE A 627 6.65 -31.78 -27.20
N TYR A 628 6.23 -32.98 -27.67
CA TYR A 628 6.68 -34.24 -27.07
C TYR A 628 7.65 -35.01 -27.99
N ASP A 629 8.10 -34.42 -29.11
CA ASP A 629 9.11 -35.00 -29.97
C ASP A 629 8.63 -36.34 -30.57
N ARG A 630 7.50 -36.33 -31.28
CA ARG A 630 6.90 -37.50 -31.92
C ARG A 630 7.13 -37.48 -33.43
N ARG A 631 8.19 -38.14 -33.91
CA ARG A 631 8.71 -37.97 -35.26
C ARG A 631 8.88 -39.31 -35.95
N LYS A 632 8.01 -39.61 -36.92
CA LYS A 632 8.19 -40.72 -37.83
C LYS A 632 9.21 -40.35 -38.90
N GLU A 633 9.80 -41.40 -39.51
CA GLU A 633 10.55 -41.28 -40.75
C GLU A 633 9.59 -40.78 -41.82
N GLY A 634 9.99 -39.76 -42.57
CA GLY A 634 9.13 -39.16 -43.59
C GLY A 634 8.35 -37.96 -43.06
N PHE A 635 7.61 -38.16 -41.96
CA PHE A 635 6.74 -37.14 -41.40
C PHE A 635 7.56 -36.21 -40.53
N ASP A 636 7.58 -34.90 -40.89
CA ASP A 636 8.28 -33.86 -40.16
C ASP A 636 7.23 -32.94 -39.54
N PRO A 637 6.91 -33.05 -38.22
CA PRO A 637 5.79 -32.30 -37.63
C PRO A 637 5.90 -30.77 -37.69
N LEU A 638 7.12 -30.21 -37.82
CA LEU A 638 7.36 -28.77 -37.97
C LEU A 638 6.91 -28.24 -39.32
N LEU A 639 7.19 -28.97 -40.42
CA LEU A 639 6.80 -28.59 -41.76
C LEU A 639 5.28 -28.61 -41.88
N ALA A 640 4.65 -29.71 -41.44
CA ALA A 640 3.21 -29.86 -41.43
C ALA A 640 2.53 -28.77 -40.61
N PHE A 641 3.17 -28.35 -39.48
CA PHE A 641 2.66 -27.29 -38.61
C PHE A 641 2.68 -25.94 -39.35
N MET A 642 3.75 -25.59 -40.09
CA MET A 642 3.78 -24.35 -40.87
C MET A 642 2.86 -24.46 -42.09
N ALA A 643 2.97 -25.55 -42.85
CA ALA A 643 2.04 -25.89 -43.92
C ALA A 643 0.60 -25.54 -43.55
N TYR A 644 0.17 -25.93 -42.34
CA TYR A 644 -1.19 -25.75 -41.84
C TYR A 644 -1.59 -24.28 -41.81
N PHE A 645 -0.75 -23.40 -41.22
CA PHE A 645 -1.06 -21.99 -41.02
C PHE A 645 -1.03 -21.21 -42.34
N GLU A 646 -0.09 -21.51 -43.25
CA GLU A 646 -0.03 -20.83 -44.55
C GLU A 646 -1.21 -21.24 -45.46
N ALA A 647 -1.87 -22.40 -45.18
CA ALA A 647 -3.04 -22.86 -45.93
C ALA A 647 -4.34 -22.27 -45.37
N HIS A 648 -4.66 -22.61 -44.11
CA HIS A 648 -5.91 -22.25 -43.46
C HIS A 648 -5.78 -20.84 -42.95
N LYS A 649 -6.63 -19.93 -43.44
CA LYS A 649 -6.29 -18.53 -43.57
C LYS A 649 -6.41 -17.82 -42.22
N GLU A 650 -7.58 -17.97 -41.58
CA GLU A 650 -7.83 -17.47 -40.24
C GLU A 650 -7.91 -18.67 -39.29
N ALA A 651 -6.72 -19.16 -38.89
CA ALA A 651 -6.55 -20.25 -37.94
C ALA A 651 -6.16 -19.76 -36.54
N ALA A 652 -5.80 -18.47 -36.40
CA ALA A 652 -5.47 -17.85 -35.10
C ALA A 652 -5.51 -16.31 -35.18
N ALA A 653 -6.49 -15.74 -35.91
CA ALA A 653 -6.57 -14.30 -36.15
C ALA A 653 -7.37 -13.63 -35.03
N LYS A 654 -6.87 -12.48 -34.54
CA LYS A 654 -7.52 -11.72 -33.47
C LYS A 654 -7.59 -10.24 -33.83
N ARG A 655 -8.83 -9.73 -33.87
CA ARG A 655 -9.16 -8.32 -33.78
C ARG A 655 -9.88 -8.13 -32.44
N GLU A 656 -9.46 -7.10 -31.68
CA GLU A 656 -10.16 -6.63 -30.48
C GLU A 656 -10.28 -5.10 -30.57
N ASP A 657 -11.52 -4.56 -30.46
CA ASP A 657 -11.80 -3.14 -30.73
C ASP A 657 -13.12 -2.70 -30.10
N ALA A 658 -13.30 -1.37 -29.99
CA ALA A 658 -14.57 -0.70 -29.72
C ALA A 658 -15.02 -0.82 -28.27
N PHE A 659 -14.08 -0.77 -27.31
CA PHE A 659 -14.39 -0.90 -25.89
C PHE A 659 -15.09 0.37 -25.42
N LEU A 660 -14.47 1.53 -25.75
CA LEU A 660 -15.12 2.81 -25.81
C LEU A 660 -15.46 3.10 -27.27
N ALA A 661 -16.63 2.58 -27.69
CA ALA A 661 -17.36 3.01 -28.87
C ALA A 661 -18.78 3.43 -28.46
N LEU A 662 -18.87 4.14 -27.33
CA LEU A 662 -20.11 4.55 -26.69
C LEU A 662 -20.54 5.93 -27.21
N PRO A 663 -21.71 6.45 -26.80
CA PRO A 663 -22.08 7.82 -27.16
C PRO A 663 -21.04 8.86 -26.71
N LEU A 664 -20.89 9.93 -27.50
CA LEU A 664 -19.82 10.90 -27.38
C LEU A 664 -19.83 11.56 -26.00
N LEU A 665 -21.00 12.01 -25.55
CA LEU A 665 -21.16 12.69 -24.27
C LEU A 665 -20.92 11.70 -23.13
N GLU A 666 -21.40 10.46 -23.26
CA GLU A 666 -21.16 9.43 -22.26
C GLU A 666 -19.65 9.13 -22.20
N ARG A 667 -18.96 9.10 -23.35
CA ARG A 667 -17.53 8.80 -23.42
C ARG A 667 -16.73 9.84 -22.63
N LEU A 668 -17.03 11.13 -22.84
CA LEU A 668 -16.39 12.24 -22.14
C LEU A 668 -16.52 12.11 -20.62
N LYS A 669 -17.70 11.68 -20.13
CA LYS A 669 -17.96 11.49 -18.72
C LYS A 669 -17.20 10.28 -18.18
N ARG A 670 -17.27 9.15 -18.88
CA ARG A 670 -16.53 7.96 -18.54
C ARG A 670 -15.02 8.19 -18.53
N ARG A 671 -14.53 9.18 -19.30
CA ARG A 671 -13.11 9.55 -19.29
C ARG A 671 -12.73 10.13 -17.92
N VAL A 672 -13.59 10.99 -17.34
CA VAL A 672 -13.36 11.54 -16.02
C VAL A 672 -13.41 10.41 -14.98
N VAL A 673 -14.50 9.64 -14.94
CA VAL A 673 -14.66 8.65 -13.88
C VAL A 673 -13.51 7.64 -13.97
N GLU A 674 -13.29 7.03 -15.16
CA GLU A 674 -12.25 6.02 -15.34
C GLU A 674 -10.84 6.61 -15.42
N GLY A 675 -10.73 7.95 -15.56
CA GLY A 675 -9.45 8.63 -15.45
C GLY A 675 -8.58 8.55 -16.71
N ARG A 676 -9.19 8.36 -17.89
CA ARG A 676 -8.48 8.11 -19.15
C ARG A 676 -8.27 9.41 -19.95
N LYS A 677 -6.99 9.80 -20.09
CA LYS A 677 -6.62 11.04 -20.77
C LYS A 677 -6.18 10.79 -22.20
N GLN A 678 -5.72 9.56 -22.51
CA GLN A 678 -5.29 9.25 -23.88
C GLN A 678 -6.49 9.15 -24.82
N GLY A 679 -6.56 10.10 -25.77
CA GLY A 679 -7.67 10.23 -26.70
C GLY A 679 -8.60 11.39 -26.34
N LEU A 680 -8.35 12.03 -25.19
CA LEU A 680 -9.26 12.98 -24.57
C LEU A 680 -9.49 14.17 -25.49
N GLU A 681 -8.38 14.77 -25.97
CA GLU A 681 -8.37 16.00 -26.74
C GLU A 681 -8.96 15.78 -28.13
N ALA A 682 -8.80 14.59 -28.71
CA ALA A 682 -9.38 14.26 -30.00
C ALA A 682 -10.90 14.23 -29.91
N ASP A 683 -11.45 13.66 -28.81
CA ASP A 683 -12.89 13.51 -28.57
C ASP A 683 -13.58 14.85 -28.24
N LEU A 684 -12.86 15.67 -27.46
CA LEU A 684 -13.30 17.01 -27.11
C LEU A 684 -13.42 17.88 -28.36
N GLU A 685 -12.54 17.69 -29.35
CA GLU A 685 -12.59 18.37 -30.65
C GLU A 685 -13.77 17.87 -31.50
N GLU A 686 -13.94 16.55 -31.60
CA GLU A 686 -15.09 15.86 -32.19
C GLU A 686 -16.42 16.43 -31.67
N ALA A 687 -16.51 16.75 -30.36
CA ALA A 687 -17.73 17.26 -29.75
C ALA A 687 -18.02 18.71 -30.12
N LEU A 688 -16.96 19.55 -30.23
CA LEU A 688 -17.05 20.97 -30.58
C LEU A 688 -17.51 21.16 -32.03
N LYS A 689 -16.92 20.37 -32.95
CA LYS A 689 -17.35 20.29 -34.35
C LYS A 689 -18.82 19.89 -34.50
N ALA A 690 -19.37 19.08 -33.59
CA ALA A 690 -20.76 18.63 -33.62
C ALA A 690 -21.75 19.63 -33.00
N GLY A 691 -21.33 20.88 -32.75
CA GLY A 691 -22.23 21.95 -32.28
C GLY A 691 -22.25 22.14 -30.76
N HIS A 692 -21.57 21.28 -29.99
CA HIS A 692 -21.60 21.41 -28.55
C HIS A 692 -20.82 22.66 -28.12
N LYS A 693 -21.41 23.47 -27.25
CA LYS A 693 -20.82 24.69 -26.73
C LYS A 693 -19.81 24.30 -25.66
N PRO A 694 -18.60 24.91 -25.63
CA PRO A 694 -17.63 24.74 -24.54
C PRO A 694 -18.14 24.76 -23.11
N LEU A 695 -18.97 25.73 -22.72
CA LEU A 695 -19.43 25.83 -21.34
C LEU A 695 -20.52 24.81 -21.02
N ASP A 696 -21.24 24.28 -22.01
CA ASP A 696 -22.19 23.20 -21.80
C ASP A 696 -21.52 21.84 -21.53
N LEU A 697 -20.33 21.61 -22.10
CA LEU A 697 -19.59 20.36 -21.90
C LEU A 697 -18.95 20.31 -20.50
N ILE A 698 -18.51 21.45 -19.94
CA ILE A 698 -18.00 21.55 -18.58
C ILE A 698 -19.10 21.17 -17.57
N ASN A 699 -20.23 21.90 -17.65
CA ASN A 699 -21.31 21.75 -16.69
C ASN A 699 -22.24 20.58 -17.00
N GLY A 700 -22.13 19.96 -18.20
CA GLY A 700 -22.78 18.70 -18.53
C GLY A 700 -21.91 17.47 -18.22
N PRO A 701 -21.40 16.71 -19.22
CA PRO A 701 -20.74 15.42 -18.92
C PRO A 701 -19.45 15.47 -18.08
N LEU A 702 -18.74 16.60 -18.08
CA LEU A 702 -17.53 16.73 -17.29
C LEU A 702 -17.83 16.90 -15.80
N LEU A 703 -18.78 17.79 -15.44
CA LEU A 703 -19.19 17.99 -14.05
C LEU A 703 -19.92 16.78 -13.47
N ALA A 704 -20.70 16.04 -14.28
CA ALA A 704 -21.44 14.86 -13.84
C ALA A 704 -20.52 13.73 -13.42
N GLY A 705 -19.44 13.46 -14.17
CA GLY A 705 -18.47 12.45 -13.80
C GLY A 705 -17.61 12.86 -12.59
N MET A 706 -17.53 14.17 -12.33
CA MET A 706 -16.85 14.69 -11.17
C MET A 706 -17.73 14.57 -9.91
N LYS A 707 -19.05 14.76 -10.00
CA LYS A 707 -19.97 14.37 -8.95
C LYS A 707 -19.92 12.86 -8.70
N GLU A 708 -19.91 12.04 -9.76
CA GLU A 708 -19.84 10.58 -9.66
C GLU A 708 -18.53 10.14 -9.00
N VAL A 709 -17.42 10.84 -9.27
CA VAL A 709 -16.13 10.48 -8.66
C VAL A 709 -16.23 10.69 -7.15
N GLY A 710 -16.92 11.77 -6.74
CA GLY A 710 -17.16 12.11 -5.36
C GLY A 710 -18.16 11.19 -4.65
N ASP A 711 -19.17 10.74 -5.40
CA ASP A 711 -20.18 9.81 -4.93
C ASP A 711 -19.58 8.44 -4.63
N LEU A 712 -18.60 7.97 -5.41
CA LEU A 712 -18.06 6.63 -5.30
C LEU A 712 -17.02 6.56 -4.18
N PHE A 713 -16.19 7.62 -4.10
CA PHE A 713 -15.09 7.73 -3.15
C PHE A 713 -15.63 7.71 -1.72
N GLY A 714 -16.64 8.56 -1.47
CA GLY A 714 -17.36 8.64 -0.20
C GLY A 714 -18.00 7.33 0.26
N ALA A 715 -18.39 6.47 -0.70
CA ALA A 715 -18.98 5.16 -0.43
C ALA A 715 -17.98 4.00 -0.37
N GLY A 716 -16.69 4.23 -0.68
CA GLY A 716 -15.66 3.20 -0.61
C GLY A 716 -15.50 2.40 -1.90
N LYS A 717 -16.14 2.88 -2.98
CA LYS A 717 -16.18 2.24 -4.29
C LYS A 717 -15.08 2.76 -5.23
N MET A 718 -14.39 3.87 -4.90
CA MET A 718 -13.18 4.33 -5.59
C MET A 718 -12.15 4.84 -4.56
N GLN A 719 -10.87 4.64 -4.86
CA GLN A 719 -9.76 4.96 -3.97
C GLN A 719 -9.13 6.30 -4.38
N LEU A 720 -8.34 6.84 -3.44
CA LEU A 720 -7.90 8.23 -3.40
C LEU A 720 -7.09 8.55 -4.65
N PRO A 721 -6.06 7.73 -5.06
CA PRO A 721 -5.30 7.99 -6.26
C PRO A 721 -6.10 8.08 -7.55
N PHE A 722 -7.13 7.25 -7.69
CA PHE A 722 -8.03 7.29 -8.82
C PHE A 722 -8.87 8.57 -8.81
N VAL A 723 -9.08 9.18 -7.62
CA VAL A 723 -9.81 10.43 -7.50
C VAL A 723 -8.91 11.56 -8.03
N LEU A 724 -7.58 11.48 -7.78
CA LEU A 724 -6.60 12.45 -8.24
C LEU A 724 -6.36 12.27 -9.74
N GLN A 725 -6.46 11.05 -10.25
CA GLN A 725 -6.50 10.79 -11.69
C GLN A 725 -7.63 11.53 -12.41
N ALA A 726 -8.87 11.37 -11.89
CA ALA A 726 -10.07 11.99 -12.45
C ALA A 726 -9.95 13.51 -12.57
N ALA A 727 -9.39 14.16 -11.52
CA ALA A 727 -9.22 15.61 -11.45
C ALA A 727 -8.18 16.08 -12.46
N GLU A 728 -7.14 15.26 -12.67
CA GLU A 728 -6.14 15.42 -13.71
C GLU A 728 -6.78 15.40 -15.11
N VAL A 729 -7.75 14.47 -15.34
CA VAL A 729 -8.51 14.44 -16.58
C VAL A 729 -9.32 15.74 -16.75
N MET A 730 -9.98 16.17 -15.67
CA MET A 730 -10.71 17.42 -15.64
C MET A 730 -9.81 18.64 -15.87
N LYS A 731 -8.55 18.59 -15.41
CA LYS A 731 -7.63 19.70 -15.58
C LYS A 731 -7.39 19.91 -17.08
N ARG A 732 -6.95 18.84 -17.75
CA ARG A 732 -6.69 18.82 -19.18
C ARG A 732 -7.90 19.28 -19.99
N ALA A 733 -9.07 18.81 -19.62
CA ALA A 733 -10.34 19.16 -20.26
C ALA A 733 -10.62 20.67 -20.22
N VAL A 734 -10.35 21.30 -19.08
CA VAL A 734 -10.62 22.73 -18.89
C VAL A 734 -9.63 23.54 -19.72
N ALA A 735 -8.37 23.08 -19.77
CA ALA A 735 -7.30 23.68 -20.56
C ALA A 735 -7.59 23.63 -22.06
N TYR A 736 -8.25 22.55 -22.53
CA TYR A 736 -8.59 22.36 -23.94
C TYR A 736 -9.69 23.31 -24.40
N LEU A 737 -10.79 23.35 -23.65
CA LEU A 737 -12.01 24.10 -23.96
C LEU A 737 -11.96 25.58 -23.51
N GLU A 738 -11.02 25.96 -22.61
CA GLU A 738 -10.94 27.32 -22.09
C GLU A 738 -10.76 28.39 -23.19
N PRO A 739 -9.84 28.25 -24.19
CA PRO A 739 -9.76 29.21 -25.29
C PRO A 739 -11.01 29.47 -26.15
N HIS A 740 -11.98 28.53 -26.23
CA HIS A 740 -13.06 28.57 -27.20
C HIS A 740 -14.37 29.19 -26.66
N MET A 741 -14.42 29.61 -25.38
CA MET A 741 -15.70 29.92 -24.74
C MET A 741 -16.11 31.36 -24.99
N GLU A 742 -17.42 31.60 -24.94
CA GLU A 742 -18.08 32.76 -25.55
C GLU A 742 -18.27 33.87 -24.54
N LYS A 743 -18.76 33.54 -23.33
CA LYS A 743 -18.84 34.49 -22.23
C LYS A 743 -17.50 34.56 -21.49
N LYS A 744 -16.47 35.05 -22.21
CA LYS A 744 -15.10 35.05 -21.72
C LYS A 744 -14.84 36.33 -20.91
N GLY A 745 -13.85 36.28 -20.01
CA GLY A 745 -13.40 37.45 -19.27
C GLY A 745 -13.16 37.21 -17.78
N GLU A 746 -13.54 36.02 -17.26
CA GLU A 746 -13.55 35.78 -15.81
C GLU A 746 -13.14 34.33 -15.47
N GLY A 747 -12.74 34.12 -14.21
CA GLY A 747 -12.53 32.78 -13.69
C GLY A 747 -13.75 32.31 -12.88
N LYS A 748 -13.65 31.08 -12.35
CA LYS A 748 -14.70 30.48 -11.53
C LYS A 748 -14.73 31.07 -10.12
N GLY A 749 -13.54 31.33 -9.53
CA GLY A 749 -13.45 31.87 -8.18
C GLY A 749 -12.13 31.53 -7.49
N THR A 750 -11.82 32.26 -6.42
CA THR A 750 -10.56 32.23 -5.70
C THR A 750 -10.78 31.99 -4.20
N LEU A 751 -10.00 31.05 -3.63
CA LEU A 751 -10.07 30.65 -2.23
C LEU A 751 -8.70 30.81 -1.57
N VAL A 752 -8.57 31.76 -0.63
CA VAL A 752 -7.43 31.74 0.28
C VAL A 752 -7.63 30.59 1.28
N LEU A 753 -6.65 29.66 1.37
CA LEU A 753 -6.67 28.48 2.23
C LEU A 753 -5.44 28.43 3.14
N ALA A 754 -5.65 27.94 4.37
CA ALA A 754 -4.62 27.86 5.39
C ALA A 754 -5.06 26.95 6.51
N THR A 755 -4.12 26.14 7.02
CA THR A 755 -4.21 25.49 8.33
C THR A 755 -3.97 26.56 9.42
N VAL A 756 -4.55 26.37 10.62
CA VAL A 756 -4.69 27.38 11.64
C VAL A 756 -3.51 27.30 12.63
N LYS A 757 -3.35 28.35 13.45
CA LYS A 757 -2.29 28.49 14.45
C LYS A 757 -2.19 27.30 15.41
N GLY A 758 -1.07 26.56 15.35
CA GLY A 758 -0.85 25.33 16.11
C GLY A 758 -1.07 24.04 15.32
N ALA A 759 -1.81 24.07 14.21
CA ALA A 759 -2.19 22.86 13.46
C ALA A 759 -1.08 22.50 12.46
N VAL A 760 -0.51 21.27 12.58
CA VAL A 760 0.71 20.90 11.86
C VAL A 760 0.43 20.01 10.61
N HIS A 761 -0.73 19.34 10.55
CA HIS A 761 -1.03 18.33 9.53
C HIS A 761 -1.61 19.00 8.29
N ASP A 762 -1.16 18.53 7.10
CA ASP A 762 -1.48 19.17 5.85
C ASP A 762 -2.05 18.23 4.75
N ILE A 763 -2.08 16.90 4.96
CA ILE A 763 -2.49 15.99 3.90
C ILE A 763 -3.84 16.45 3.35
N GLY A 764 -4.88 16.56 4.19
CA GLY A 764 -6.23 16.91 3.76
C GLY A 764 -6.41 18.36 3.31
N LYS A 765 -5.61 19.31 3.81
CA LYS A 765 -5.57 20.64 3.25
C LYS A 765 -5.05 20.61 1.82
N ASN A 766 -4.03 19.81 1.55
CA ASN A 766 -3.38 19.76 0.22
C ASN A 766 -4.16 18.87 -0.76
N LEU A 767 -5.03 17.98 -0.27
CA LEU A 767 -6.01 17.33 -1.13
C LEU A 767 -7.06 18.33 -1.61
N VAL A 768 -7.59 19.17 -0.73
CA VAL A 768 -8.59 20.17 -1.08
C VAL A 768 -7.99 21.15 -2.11
N ASP A 769 -6.72 21.55 -1.91
CA ASP A 769 -5.97 22.36 -2.87
C ASP A 769 -6.05 21.76 -4.28
N ILE A 770 -5.66 20.48 -4.41
CA ILE A 770 -5.47 19.80 -5.67
C ILE A 770 -6.82 19.65 -6.42
N ILE A 771 -7.81 19.09 -5.71
CA ILE A 771 -9.14 18.82 -6.20
C ILE A 771 -9.79 20.14 -6.66
N LEU A 772 -9.68 21.24 -5.90
CA LEU A 772 -10.34 22.48 -6.31
C LEU A 772 -9.56 23.13 -7.46
N SER A 773 -8.21 23.04 -7.49
CA SER A 773 -7.38 23.71 -8.51
C SER A 773 -7.57 23.04 -9.87
N HIS A 774 -7.68 21.70 -9.84
CA HIS A 774 -7.91 20.91 -11.03
C HIS A 774 -9.26 21.21 -11.68
N ASN A 775 -10.26 21.64 -10.90
CA ASN A 775 -11.56 22.07 -11.37
C ASN A 775 -11.61 23.58 -11.66
N GLY A 776 -10.44 24.22 -11.84
CA GLY A 776 -10.34 25.59 -12.27
C GLY A 776 -10.79 26.57 -11.19
N TYR A 777 -10.42 26.32 -9.95
CA TYR A 777 -10.54 27.27 -8.85
C TYR A 777 -9.14 27.75 -8.55
N ARG A 778 -8.98 29.07 -8.35
CA ARG A 778 -7.69 29.61 -7.93
C ARG A 778 -7.54 29.44 -6.42
N VAL A 779 -6.46 28.77 -5.95
CA VAL A 779 -6.25 28.50 -4.55
C VAL A 779 -4.90 29.06 -4.07
N VAL A 780 -4.93 30.12 -3.25
CA VAL A 780 -3.75 30.65 -2.56
C VAL A 780 -3.52 29.91 -1.24
N ASN A 781 -2.59 28.94 -1.27
CA ASN A 781 -2.36 28.03 -0.15
C ASN A 781 -1.25 28.67 0.68
N LEU A 782 -1.63 29.18 1.87
CA LEU A 782 -0.73 29.94 2.74
C LEU A 782 0.12 29.04 3.63
N GLY A 783 -0.14 27.72 3.64
CA GLY A 783 0.65 26.77 4.43
C GLY A 783 0.03 26.49 5.79
N ILE A 784 0.85 26.04 6.72
CA ILE A 784 0.44 25.63 8.05
C ILE A 784 0.70 26.74 9.07
N LYS A 785 0.06 26.59 10.25
CA LYS A 785 0.19 27.38 11.47
C LYS A 785 0.02 28.88 11.24
N VAL A 786 -0.85 29.25 10.29
CA VAL A 786 -0.90 30.63 9.81
C VAL A 786 -1.73 31.47 10.80
N PRO A 787 -1.16 32.54 11.42
CA PRO A 787 -1.95 33.48 12.19
C PRO A 787 -2.99 34.21 11.35
N ILE A 788 -4.05 34.65 12.02
CA ILE A 788 -5.21 35.28 11.39
C ILE A 788 -4.80 36.62 10.81
N GLU A 789 -3.85 37.33 11.43
CA GLU A 789 -3.34 38.62 10.94
C GLU A 789 -2.72 38.51 9.55
N GLU A 790 -1.99 37.42 9.35
CA GLU A 790 -1.38 37.06 8.08
C GLU A 790 -2.41 36.54 7.09
N ILE A 791 -3.48 35.86 7.56
CA ILE A 791 -4.57 35.37 6.69
C ILE A 791 -5.25 36.56 6.02
N LEU A 792 -5.57 37.59 6.81
CA LEU A 792 -6.38 38.71 6.32
C LEU A 792 -5.52 39.66 5.46
N LYS A 793 -4.18 39.55 5.55
CA LYS A 793 -3.28 40.34 4.70
C LYS A 793 -3.36 39.80 3.28
N ALA A 794 -3.18 38.48 3.14
CA ALA A 794 -3.39 37.78 1.90
C ALA A 794 -4.78 38.10 1.32
N VAL A 795 -5.85 38.02 2.13
CA VAL A 795 -7.20 38.33 1.67
C VAL A 795 -7.29 39.75 1.10
N GLU A 796 -6.86 40.77 1.85
CA GLU A 796 -6.92 42.15 1.41
C GLU A 796 -6.15 42.41 0.11
N ALA A 797 -5.09 41.64 -0.13
CA ALA A 797 -4.29 41.69 -1.35
C ALA A 797 -4.95 40.94 -2.51
N HIS A 798 -5.46 39.71 -2.24
CA HIS A 798 -5.85 38.77 -3.29
C HIS A 798 -7.33 38.86 -3.66
N LYS A 799 -8.14 39.63 -2.91
CA LYS A 799 -9.57 39.72 -3.07
C LYS A 799 -10.19 38.35 -3.39
N PRO A 800 -10.12 37.34 -2.49
CA PRO A 800 -10.75 36.04 -2.73
C PRO A 800 -12.25 36.08 -2.60
N HIS A 801 -12.88 35.00 -3.10
CA HIS A 801 -14.32 34.78 -3.01
C HIS A 801 -14.69 34.16 -1.66
N ALA A 802 -13.80 33.32 -1.08
CA ALA A 802 -14.01 32.78 0.27
C ALA A 802 -12.67 32.56 1.00
N VAL A 803 -12.72 32.45 2.33
CA VAL A 803 -11.62 31.99 3.16
C VAL A 803 -11.90 30.57 3.64
N GLY A 804 -10.90 29.68 3.53
CA GLY A 804 -10.93 28.32 4.09
C GLY A 804 -9.96 28.15 5.24
N MET A 805 -10.42 27.59 6.38
CA MET A 805 -9.57 27.27 7.52
C MET A 805 -9.66 25.75 7.77
N SER A 806 -8.54 25.13 8.14
CA SER A 806 -8.40 23.70 8.37
C SER A 806 -7.66 23.48 9.71
N GLY A 807 -7.89 22.30 10.28
CA GLY A 807 -7.11 21.75 11.38
C GLY A 807 -7.76 20.49 11.94
N LEU A 808 -6.91 19.57 12.45
CA LEU A 808 -7.27 18.18 12.73
C LEU A 808 -8.04 18.04 14.05
N LEU A 809 -7.66 18.83 15.07
CA LEU A 809 -7.99 18.63 16.48
C LEU A 809 -9.12 19.54 16.98
N VAL A 810 -9.62 19.26 18.19
CA VAL A 810 -10.63 20.08 18.87
C VAL A 810 -10.01 21.44 19.27
N LYS A 811 -8.71 21.50 19.65
CA LYS A 811 -8.07 22.79 19.87
C LYS A 811 -7.98 23.61 18.58
N SER A 812 -7.82 22.98 17.41
CA SER A 812 -7.92 23.64 16.12
C SER A 812 -9.27 24.34 15.97
N THR A 813 -10.36 23.69 16.46
CA THR A 813 -11.73 24.20 16.34
C THR A 813 -11.95 25.42 17.22
N LEU A 814 -11.30 25.49 18.40
CA LEU A 814 -11.39 26.66 19.24
C LEU A 814 -10.58 27.83 18.66
N VAL A 815 -9.45 27.56 17.95
CA VAL A 815 -8.67 28.58 17.27
C VAL A 815 -9.48 29.22 16.13
N MET A 816 -10.22 28.40 15.36
CA MET A 816 -11.14 28.90 14.35
C MET A 816 -12.27 29.77 14.94
N LYS A 817 -12.75 29.47 16.15
CA LYS A 817 -13.70 30.32 16.86
C LYS A 817 -13.08 31.66 17.22
N GLU A 818 -11.82 31.66 17.70
CA GLU A 818 -11.05 32.87 17.94
C GLU A 818 -10.89 33.65 16.62
N ASN A 819 -10.63 32.96 15.50
CA ASN A 819 -10.42 33.64 14.21
C ASN A 819 -11.69 34.34 13.69
N LEU A 820 -12.89 33.80 14.03
CA LEU A 820 -14.18 34.38 13.65
C LEU A 820 -14.49 35.62 14.52
N GLU A 821 -14.14 35.57 15.82
CA GLU A 821 -14.24 36.69 16.76
C GLU A 821 -13.33 37.83 16.33
N TYR A 822 -12.13 37.51 15.82
CA TYR A 822 -11.21 38.51 15.25
C TYR A 822 -11.78 39.11 13.96
N MET A 823 -12.26 38.24 13.05
CA MET A 823 -12.79 38.63 11.74
C MET A 823 -14.08 39.43 11.83
N ARG A 824 -14.98 39.06 12.78
CA ARG A 824 -16.19 39.80 13.09
C ARG A 824 -15.84 41.21 13.54
N ASP A 825 -14.92 41.32 14.51
CA ASP A 825 -14.57 42.59 15.11
C ASP A 825 -13.78 43.47 14.13
N ALA A 826 -13.09 42.88 13.15
CA ALA A 826 -12.41 43.65 12.10
C ALA A 826 -13.39 44.06 10.99
N GLY A 827 -14.61 43.48 10.98
CA GLY A 827 -15.71 43.95 10.13
C GLY A 827 -15.95 43.08 8.88
N TYR A 828 -15.24 41.95 8.79
CA TYR A 828 -15.31 41.12 7.60
C TYR A 828 -16.68 40.48 7.49
N THR A 829 -17.14 40.35 6.24
CA THR A 829 -18.48 39.96 5.84
C THR A 829 -18.44 38.77 4.84
N LEU A 830 -17.27 38.46 4.26
CA LEU A 830 -17.11 37.50 3.17
C LEU A 830 -17.31 36.07 3.67
N PRO A 831 -17.50 35.07 2.78
CA PRO A 831 -17.71 33.69 3.22
C PRO A 831 -16.48 32.97 3.76
N VAL A 832 -16.63 32.33 4.94
CA VAL A 832 -15.59 31.45 5.50
C VAL A 832 -16.04 30.00 5.32
N ILE A 833 -15.12 29.07 5.07
CA ILE A 833 -15.43 27.65 4.93
C ILE A 833 -14.50 26.86 5.84
N LEU A 834 -15.06 26.18 6.86
CA LEU A 834 -14.29 25.43 7.82
C LEU A 834 -14.37 23.95 7.46
N GLY A 835 -13.25 23.25 7.62
CA GLY A 835 -13.23 21.80 7.63
C GLY A 835 -12.16 21.28 8.56
N GLY A 836 -12.12 19.99 8.78
CA GLY A 836 -11.21 19.40 9.76
C GLY A 836 -11.77 18.08 10.29
N ALA A 837 -10.85 17.24 10.80
CA ALA A 837 -11.15 15.83 11.12
C ALA A 837 -12.05 15.71 12.36
N ALA A 838 -11.87 16.58 13.35
CA ALA A 838 -12.70 16.58 14.55
C ALA A 838 -13.84 17.57 14.40
N LEU A 839 -13.64 18.64 13.59
CA LEU A 839 -14.69 19.61 13.29
C LEU A 839 -15.94 18.86 12.81
N THR A 840 -17.06 19.10 13.51
CA THR A 840 -18.38 18.56 13.16
C THR A 840 -19.25 19.68 12.59
N ARG A 841 -20.31 19.26 11.87
CA ARG A 841 -21.35 20.10 11.29
C ARG A 841 -22.13 20.90 12.34
N SER A 842 -22.39 20.31 13.50
CA SER A 842 -23.10 20.96 14.60
C SER A 842 -22.37 22.19 15.14
N TYR A 843 -21.06 22.03 15.35
CA TYR A 843 -20.24 23.06 15.95
C TYR A 843 -20.14 24.28 15.06
N VAL A 844 -20.19 24.10 13.73
CA VAL A 844 -20.11 25.21 12.80
C VAL A 844 -21.41 26.03 12.87
N GLU A 845 -22.57 25.37 12.95
CA GLU A 845 -23.86 26.05 13.08
C GLU A 845 -23.91 26.83 14.41
N GLU A 846 -23.28 26.31 15.45
CA GLU A 846 -23.02 27.04 16.71
C GLU A 846 -22.21 28.31 16.45
N LEU A 847 -21.12 28.21 15.66
CA LEU A 847 -20.27 29.34 15.33
C LEU A 847 -20.96 30.39 14.46
N ARG A 848 -22.06 30.04 13.75
CA ARG A 848 -22.79 31.02 12.94
C ARG A 848 -23.34 32.17 13.79
N ALA A 849 -23.48 32.02 15.12
CA ALA A 849 -23.93 33.08 16.00
C ALA A 849 -22.90 34.21 16.12
N ILE A 850 -21.62 33.88 15.89
CA ILE A 850 -20.52 34.85 15.86
C ILE A 850 -20.43 35.48 14.46
N TYR A 851 -20.26 34.62 13.45
CA TYR A 851 -20.07 35.05 12.08
C TYR A 851 -21.12 34.36 11.20
N PRO A 852 -22.19 35.03 10.71
CA PRO A 852 -23.25 34.38 9.91
C PRO A 852 -22.83 33.61 8.66
N ASN A 853 -21.84 34.10 7.90
CA ASN A 853 -21.44 33.50 6.63
C ASN A 853 -20.27 32.52 6.81
N VAL A 854 -20.47 31.50 7.66
CA VAL A 854 -19.52 30.42 7.90
C VAL A 854 -20.23 29.15 7.43
N TYR A 855 -19.50 28.27 6.73
CA TYR A 855 -20.04 27.03 6.17
C TYR A 855 -19.13 25.87 6.60
N TYR A 856 -19.63 24.63 6.49
CA TYR A 856 -18.91 23.42 6.89
C TYR A 856 -18.64 22.53 5.67
N ALA A 857 -17.47 21.89 5.64
CA ALA A 857 -17.14 20.92 4.60
C ALA A 857 -16.70 19.61 5.24
N GLU A 858 -17.38 18.50 4.91
CA GLU A 858 -17.00 17.15 5.30
C GLU A 858 -15.80 16.65 4.53
N ASP A 859 -15.62 17.11 3.28
CA ASP A 859 -14.57 16.63 2.41
C ASP A 859 -14.33 17.67 1.31
N ALA A 860 -13.36 17.43 0.44
CA ALA A 860 -13.06 18.37 -0.64
C ALA A 860 -14.17 18.40 -1.71
N PHE A 861 -15.03 17.39 -1.81
CA PHE A 861 -16.15 17.46 -2.74
C PHE A 861 -17.30 18.33 -2.26
N GLU A 862 -17.39 18.59 -0.94
CA GLU A 862 -18.31 19.59 -0.42
C GLU A 862 -17.76 21.01 -0.64
N GLY A 863 -16.43 21.18 -0.55
CA GLY A 863 -15.76 22.42 -0.94
C GLY A 863 -16.08 22.80 -2.38
N LEU A 864 -15.90 21.82 -3.28
CA LEU A 864 -16.40 21.84 -4.65
C LEU A 864 -17.80 22.44 -4.72
N ARG A 865 -18.76 21.82 -4.00
CA ARG A 865 -20.17 22.21 -3.97
C ARG A 865 -20.37 23.62 -3.44
N LEU A 866 -19.71 23.95 -2.32
CA LEU A 866 -19.76 25.27 -1.68
C LEU A 866 -19.17 26.38 -2.55
N MET A 867 -18.07 26.10 -3.27
CA MET A 867 -17.41 27.10 -4.09
C MET A 867 -18.32 27.49 -5.26
N GLU A 868 -18.88 26.50 -5.95
CA GLU A 868 -19.89 26.64 -6.99
C GLU A 868 -21.02 27.53 -6.50
N GLU A 869 -21.61 27.18 -5.35
CA GLU A 869 -22.78 27.80 -4.79
C GLU A 869 -22.59 29.30 -4.49
N LEU A 870 -21.46 29.68 -3.87
CA LEU A 870 -21.19 31.04 -3.42
C LEU A 870 -20.62 31.95 -4.51
N THR A 871 -19.84 31.43 -5.48
CA THR A 871 -19.22 32.28 -6.50
C THR A 871 -20.19 32.63 -7.64
N GLY A 872 -21.18 31.75 -7.92
CA GLY A 872 -22.25 32.06 -8.88
C GLY A 872 -22.01 31.41 -10.23
N1 C2F B . 11.13 -14.41 -17.19
C2 C2F B . 11.18 -15.66 -16.74
NA2 C2F B . 11.01 -15.89 -15.44
N3 C2F B . 11.42 -16.72 -17.59
C4 C2F B . 11.61 -16.60 -18.96
O4 C2F B . 11.74 -17.63 -19.66
C4A C2F B . 11.53 -15.29 -19.47
N5 C2F B . 11.81 -14.95 -20.76
C6 C2F B . 11.09 -13.74 -21.24
C7 C2F B . 11.53 -12.57 -20.37
N8 C2F B . 11.38 -12.89 -18.96
C8A C2F B . 11.39 -14.20 -18.51
C9 C2F B . 9.55 -13.85 -21.23
N10 C2F B . 8.95 -12.68 -21.88
C11 C2F B . 12.85 -15.58 -21.56
C12 C2F B . 8.21 -12.24 -25.97
C13 C2F B . 7.89 -11.21 -25.08
C14 C2F B . 8.19 -11.32 -23.72
C15 C2F B . 8.76 -12.49 -23.23
C16 C2F B . 9.05 -13.53 -24.12
C17 C2F B . 8.79 -13.38 -25.47
C C2F B . 7.98 -12.21 -27.45
O C2F B . 7.89 -13.25 -28.09
N C2F B . 7.98 -11.00 -28.04
CA C2F B . 7.85 -10.80 -29.49
CB C2F B . 7.56 -9.35 -29.89
CG C2F B . 6.18 -8.83 -29.53
CD C2F B . 5.90 -7.48 -30.20
OE1 C2F B . 4.71 -7.19 -30.49
OE2 C2F B . 6.88 -6.69 -30.39
CT C2F B . 9.16 -11.19 -30.19
O1 C2F B . 9.04 -11.48 -31.38
O2 C2F B . 10.23 -11.26 -29.53
ZN ZN C . -6.27 7.47 18.16
CO B12 D . -5.08 11.72 15.24
N21 B12 D . -6.71 12.33 16.01
N22 B12 D . -4.06 12.50 16.63
N23 B12 D . -3.71 11.64 13.97
N24 B12 D . -6.29 10.86 14.01
C1 B12 D . -7.95 12.27 15.21
C20 B12 D . -7.75 13.56 14.39
C2 B12 D . -9.16 12.29 16.27
C25 B12 D . -10.47 12.87 15.68
C26 B12 D . -9.48 10.89 16.92
C27 B12 D . -10.63 10.78 17.94
O28 B12 D . -11.59 10.03 17.69
N29 B12 D . -10.61 11.39 19.12
C3 B12 D . -8.43 13.16 17.38
C30 B12 D . -8.74 14.68 17.59
C31 B12 D . -9.75 14.99 18.72
C32 B12 D . -9.30 15.67 19.99
O34 B12 D . -9.86 15.38 21.06
N33 B12 D . -8.35 16.58 19.96
C4 B12 D . -6.92 12.86 17.20
C5 B12 D . -5.87 12.98 18.19
C35 B12 D . -6.34 13.05 19.65
C6 B12 D . -4.46 12.98 17.86
C7 B12 D . -3.18 13.41 18.65
C36 B12 D . -3.42 14.59 19.61
C37 B12 D . -2.72 12.13 19.43
C38 B12 D . -1.63 12.05 20.49
O39 B12 D . -1.38 12.97 21.27
N40 B12 D . -0.99 10.88 20.56
C8 B12 D . -2.14 13.69 17.51
C41 B12 D . -1.74 15.13 17.04
C42 B12 D . -0.54 15.72 17.78
C43 B12 D . 0.01 17.06 17.27
O44 B12 D . -0.72 18.03 17.22
N45 B12 D . 1.27 17.18 16.92
C9 B12 D . -2.78 12.93 16.37
C10 B12 D . -2.05 12.69 15.22
C11 B12 D . -2.45 12.04 14.14
C12 B12 D . -1.50 11.31 13.19
C46 B12 D . -1.13 9.96 13.83
C47 B12 D . -0.19 12.01 12.79
C13 B12 D . -2.45 11.13 11.99
C48 B12 D . -2.73 12.33 11.05
C49 B12 D . -2.05 12.16 9.71
C50 B12 D . -2.23 13.45 8.97
O51 B12 D . -1.21 14.14 8.76
N52 B12 D . -3.46 13.81 8.58
C14 B12 D . -3.73 10.89 12.79
C15 B12 D . -4.70 10.08 12.39
C53 B12 D . -4.24 8.94 11.50
C16 B12 D . -6.08 10.26 12.87
C17 B12 D . -7.47 10.11 12.20
C54 B12 D . -7.60 8.61 11.97
C55 B12 D . -7.71 10.88 10.85
C56 B12 D . -6.88 10.38 9.70
C57 B12 D . -6.65 11.25 8.52
O58 B12 D . -5.52 11.60 8.25
N59 B12 D . -7.67 11.29 7.66
C18 B12 D . -8.56 10.62 13.21
C60 B12 D . -9.86 9.78 13.46
C61 B12 D . -10.77 9.85 12.25
O63 B12 D . -11.04 10.94 11.73
N62 B12 D . -11.22 8.68 11.79
C19 B12 D . -7.71 10.94 14.45
C1P B12 D . -7.50 11.73 6.29
C2P B12 D . -7.38 13.19 6.03
C3P B12 D . -6.96 13.40 4.59
O3 B12 D . -8.72 13.69 6.33
O4 B12 D . -7.80 15.59 7.75
O5 B12 D . -10.30 14.97 7.72
P B12 D . -8.98 15.12 7.01
O2 B12 D . -9.25 16.12 5.78
C3R B12 D . -10.43 15.97 5.02
C2R B12 D . -11.70 16.74 5.41
O7R B12 D . -11.84 17.05 6.76
C1R B12 D . -11.70 17.96 4.49
O6R B12 D . -10.99 17.56 3.33
C4R B12 D . -10.15 16.42 3.59
C5R B12 D . -10.34 15.38 2.50
O8R B12 D . -11.63 15.38 1.88
N1B B12 D . -11.04 19.15 4.93
C8B B12 D . -11.36 20.40 4.46
C2B B12 D . -10.04 19.32 5.82
N3B B12 D . -9.72 20.58 5.99
C9B B12 D . -10.52 21.32 5.12
C4B B12 D . -10.62 22.70 4.84
C5B B12 D . -11.55 23.15 3.90
C5M B12 D . -11.64 24.63 3.56
C6B B12 D . -12.39 22.20 3.22
C6M B12 D . -13.39 22.64 2.15
C7B B12 D . -12.29 20.84 3.52
ZN ZN E . 23.98 -16.60 4.62
K K F . -3.40 3.09 23.91
N NEH G . -4.47 7.59 16.78
CA NEH G . -3.87 8.93 16.80
CB NEH G . -4.68 9.85 15.97
#